data_3AB1
#
_entry.id   3AB1
#
_cell.length_a   100.514
_cell.length_b   127.971
_cell.length_c   128.353
_cell.angle_alpha   90.00
_cell.angle_beta   90.00
_cell.angle_gamma   90.00
#
_symmetry.space_group_name_H-M   'C 2 2 21'
#
loop_
_entity.id
_entity.type
_entity.pdbx_description
1 polymer 'Ferredoxin--NADP reductase'
2 non-polymer 'FLAVIN-ADENINE DINUCLEOTIDE'
3 water water
#
_entity_poly.entity_id   1
_entity_poly.type   'polypeptide(L)'
_entity_poly.pdbx_seq_one_letter_code
;MLDIHNPATDHHDMRDLTIIGGGPTGIFAAFQCGMNNISCRIIESMPQLGGQLAALYPEKHIYDVAGFPEVPAIDLVESL
WAQAERYNPDVVLNETVTKYTKLDDGTFETRTNTGNVYRSRAVLIAAGLGAFEPRKLPQLGNIDHLTGSSVYYAVKSVED
FKGKRVVIVGGGDSALDWTVGLIKNAASVTLVHRGHEFQGHGKTAHEVERARANGTIDVYLETEVASIEESNGVLTRVHL
RSSDGSKWTVEADRLLILIGFKSNLGPLARWDLELYENALVVDSHMKTSVDGLYAAGDIAYYPGKLKIIQTGLSEATMAV
RHSLSYIKPGEKIRNVFSSVKMAKEKKAAEAGNATENKAE
;
_entity_poly.pdbx_strand_id   A,B
#
loop_
_chem_comp.id
_chem_comp.type
_chem_comp.name
_chem_comp.formula
FAD non-polymer 'FLAVIN-ADENINE DINUCLEOTIDE' 'C27 H33 N9 O15 P2'
#
# COMPACT_ATOMS: atom_id res chain seq x y z
N ASP A 13 -25.53 10.38 -22.14
CA ASP A 13 -25.48 9.17 -21.27
C ASP A 13 -24.86 9.44 -19.88
N MET A 14 -25.75 9.60 -18.90
CA MET A 14 -25.39 9.82 -17.50
C MET A 14 -24.63 8.64 -16.87
N ARG A 15 -23.47 8.94 -16.27
CA ARG A 15 -22.78 8.04 -15.35
C ARG A 15 -22.86 8.64 -13.94
N ASP A 16 -22.69 7.82 -12.91
CA ASP A 16 -22.66 8.34 -11.53
C ASP A 16 -21.43 9.21 -11.26
N LEU A 17 -20.26 8.76 -11.69
CA LEU A 17 -19.01 9.47 -11.45
C LEU A 17 -18.13 9.55 -12.68
N THR A 18 -17.68 10.76 -13.00
CA THR A 18 -16.63 10.95 -14.00
C THR A 18 -15.31 11.04 -13.26
N ILE A 19 -14.34 10.25 -13.72
CA ILE A 19 -13.00 10.26 -13.16
C ILE A 19 -12.05 10.86 -14.17
N ILE A 20 -11.38 11.94 -13.75
CA ILE A 20 -10.42 12.64 -14.60
C ILE A 20 -9.02 12.14 -14.28
N GLY A 21 -8.49 11.33 -15.18
CA GLY A 21 -7.16 10.75 -15.00
C GLY A 21 -7.22 9.25 -14.79
N GLY A 22 -6.37 8.55 -15.52
CA GLY A 22 -6.29 7.09 -15.47
C GLY A 22 -4.96 6.57 -14.97
N GLY A 23 -4.35 7.30 -14.04
CA GLY A 23 -3.19 6.77 -13.30
C GLY A 23 -3.68 5.76 -12.28
N PRO A 24 -2.78 5.25 -11.41
CA PRO A 24 -3.18 4.24 -10.41
C PRO A 24 -4.35 4.67 -9.55
N THR A 25 -4.41 5.97 -9.24
CA THR A 25 -5.49 6.53 -8.43
C THR A 25 -6.88 6.48 -9.10
N GLY A 26 -6.97 6.94 -10.34
CA GLY A 26 -8.23 6.90 -11.10
C GLY A 26 -8.71 5.47 -11.35
N ILE A 27 -7.76 4.59 -11.66
CA ILE A 27 -8.06 3.16 -11.86
C ILE A 27 -8.67 2.50 -10.61
N PHE A 28 -7.99 2.61 -9.46
CA PHE A 28 -8.49 2.04 -8.21
C PHE A 28 -9.83 2.66 -7.86
N ALA A 29 -9.97 3.97 -8.10
CA ALA A 29 -11.23 4.68 -7.93
C ALA A 29 -12.34 4.09 -8.80
N ALA A 30 -12.00 3.65 -10.01
CA ALA A 30 -12.99 3.05 -10.90
C ALA A 30 -13.42 1.66 -10.38
N PHE A 31 -12.47 0.93 -9.82
CA PHE A 31 -12.76 -0.31 -9.11
C PHE A 31 -13.67 -0.03 -7.91
N GLN A 32 -13.37 1.03 -7.17
CA GLN A 32 -14.17 1.44 -6.03
C GLN A 32 -15.63 1.71 -6.44
N CYS A 33 -15.82 2.30 -7.61
CA CYS A 33 -17.17 2.54 -8.13
C CYS A 33 -17.93 1.23 -8.34
N GLY A 34 -17.31 0.30 -9.06
CA GLY A 34 -17.83 -1.04 -9.24
C GLY A 34 -18.20 -1.70 -7.92
N MET A 35 -17.21 -1.83 -7.04
CA MET A 35 -17.39 -2.42 -5.71
C MET A 35 -18.63 -1.87 -5.00
N ASN A 36 -18.87 -0.57 -5.18
CA ASN A 36 -19.95 0.13 -4.50
C ASN A 36 -21.21 0.32 -5.33
N ASN A 37 -21.27 -0.38 -6.45
CA ASN A 37 -22.42 -0.35 -7.37
C ASN A 37 -22.79 1.03 -7.92
N ILE A 38 -21.79 1.79 -8.35
CA ILE A 38 -22.06 3.00 -9.09
C ILE A 38 -21.32 2.98 -10.41
N SER A 39 -21.96 3.54 -11.44
CA SER A 39 -21.38 3.56 -12.77
C SER A 39 -20.41 4.73 -12.86
N CYS A 40 -19.40 4.56 -13.70
CA CYS A 40 -18.37 5.56 -13.86
C CYS A 40 -17.76 5.49 -15.25
N ARG A 41 -17.03 6.55 -15.59
CA ARG A 41 -16.14 6.55 -16.72
C ARG A 41 -14.82 7.19 -16.29
N ILE A 42 -13.73 6.72 -16.90
CA ILE A 42 -12.43 7.35 -16.76
C ILE A 42 -12.16 8.15 -18.03
N ILE A 43 -11.91 9.44 -17.88
CA ILE A 43 -11.43 10.27 -18.98
C ILE A 43 -9.93 10.49 -18.84
N GLU A 44 -9.17 9.94 -19.77
CA GLU A 44 -7.71 9.99 -19.71
C GLU A 44 -7.11 10.74 -20.90
N SER A 45 -6.17 11.62 -20.61
CA SER A 45 -5.52 12.48 -21.60
C SER A 45 -4.55 11.75 -22.53
N MET A 46 -3.91 10.69 -22.03
CA MET A 46 -2.93 9.93 -22.83
C MET A 46 -3.60 8.84 -23.71
N PRO A 47 -2.83 8.21 -24.61
CA PRO A 47 -3.37 7.11 -25.43
C PRO A 47 -3.54 5.79 -24.67
N GLN A 48 -3.02 5.74 -23.45
CA GLN A 48 -3.12 4.55 -22.60
C GLN A 48 -3.39 4.98 -21.16
N LEU A 49 -3.91 4.05 -20.36
CA LEU A 49 -4.06 4.25 -18.92
C LEU A 49 -2.73 3.97 -18.22
N GLY A 50 -2.58 4.47 -17.00
CA GLY A 50 -1.43 4.13 -16.17
C GLY A 50 -0.66 5.31 -15.58
N GLY A 51 -1.00 6.52 -16.01
CA GLY A 51 -0.36 7.75 -15.53
C GLY A 51 1.15 7.76 -15.55
N GLN A 52 1.76 8.25 -14.47
CA GLN A 52 3.22 8.36 -14.37
C GLN A 52 3.95 7.03 -14.46
N LEU A 53 3.29 5.97 -14.01
CA LEU A 53 3.89 4.64 -13.97
C LEU A 53 4.14 4.08 -15.37
N ALA A 54 3.18 4.28 -16.27
CA ALA A 54 3.26 3.76 -17.63
C ALA A 54 4.15 4.60 -18.52
N ALA A 55 4.17 5.90 -18.24
CA ALA A 55 4.89 6.88 -19.06
C ALA A 55 6.36 7.00 -18.67
N LEU A 56 6.61 7.30 -17.39
CA LEU A 56 7.95 7.67 -16.93
C LEU A 56 8.82 6.50 -16.47
N TYR A 57 8.21 5.43 -15.97
CA TYR A 57 9.00 4.31 -15.46
C TYR A 57 8.40 2.91 -15.56
N PRO A 58 7.79 2.57 -16.70
CA PRO A 58 7.09 1.28 -16.84
C PRO A 58 7.87 0.05 -16.40
N GLU A 59 9.20 0.07 -16.60
CA GLU A 59 10.02 -1.13 -16.37
C GLU A 59 10.73 -1.15 -15.01
N LYS A 60 10.75 -0.01 -14.34
CA LYS A 60 11.37 0.09 -13.03
C LYS A 60 10.54 -0.58 -11.94
N HIS A 61 11.22 -1.29 -11.05
CA HIS A 61 10.61 -2.08 -9.98
C HIS A 61 10.16 -1.19 -8.80
N ILE A 62 8.88 -1.30 -8.43
CA ILE A 62 8.34 -0.64 -7.23
C ILE A 62 8.40 -1.59 -6.04
N TYR A 63 8.76 -1.06 -4.87
CA TYR A 63 8.97 -1.89 -3.68
C TYR A 63 8.05 -1.53 -2.52
N ASP A 64 7.49 -0.31 -2.54
CA ASP A 64 6.76 0.23 -1.40
C ASP A 64 5.22 0.28 -1.58
N VAL A 65 4.70 -0.61 -2.42
CA VAL A 65 3.26 -0.83 -2.52
C VAL A 65 2.98 -2.15 -1.79
N ALA A 66 2.02 -2.10 -0.87
CA ALA A 66 1.72 -3.20 0.06
C ALA A 66 1.42 -4.53 -0.62
N GLY A 67 2.14 -5.57 -0.21
CA GLY A 67 1.89 -6.92 -0.70
C GLY A 67 2.49 -7.23 -2.06
N PHE A 68 3.16 -6.25 -2.65
CA PHE A 68 3.92 -6.42 -3.89
C PHE A 68 5.42 -6.29 -3.57
N PRO A 69 6.10 -7.41 -3.28
CA PRO A 69 7.50 -7.38 -2.86
C PRO A 69 8.39 -6.59 -3.81
N GLU A 70 8.25 -6.87 -5.10
CA GLU A 70 9.05 -6.21 -6.14
C GLU A 70 8.31 -6.33 -7.47
N VAL A 71 7.80 -5.20 -7.95
CA VAL A 71 6.91 -5.21 -9.12
C VAL A 71 7.27 -4.10 -10.10
N PRO A 72 7.42 -4.44 -11.40
CA PRO A 72 7.61 -3.40 -12.41
C PRO A 72 6.37 -2.53 -12.51
N ALA A 73 6.56 -1.22 -12.54
CA ALA A 73 5.46 -0.26 -12.51
C ALA A 73 4.30 -0.60 -13.42
N ILE A 74 4.61 -0.95 -14.67
CA ILE A 74 3.60 -1.25 -15.70
C ILE A 74 2.78 -2.52 -15.40
N ASP A 75 3.39 -3.48 -14.71
CA ASP A 75 2.67 -4.67 -14.25
C ASP A 75 1.63 -4.32 -13.16
N LEU A 76 1.99 -3.36 -12.30
CA LEU A 76 1.11 -2.91 -11.22
C LEU A 76 -0.12 -2.24 -11.83
N VAL A 77 0.13 -1.32 -12.76
CA VAL A 77 -0.92 -0.72 -13.58
C VAL A 77 -1.85 -1.80 -14.11
N GLU A 78 -1.28 -2.85 -14.68
CA GLU A 78 -2.04 -3.99 -15.22
C GLU A 78 -2.82 -4.75 -14.15
N SER A 79 -2.20 -4.95 -12.98
CA SER A 79 -2.88 -5.56 -11.81
C SER A 79 -4.07 -4.72 -11.36
N LEU A 80 -3.87 -3.40 -11.29
CA LEU A 80 -4.93 -2.47 -10.88
C LEU A 80 -6.06 -2.40 -11.89
N TRP A 81 -5.69 -2.39 -13.17
CA TRP A 81 -6.69 -2.35 -14.23
C TRP A 81 -7.56 -3.62 -14.31
N ALA A 82 -6.91 -4.79 -14.24
CA ALA A 82 -7.61 -6.08 -14.22
C ALA A 82 -8.63 -6.12 -13.09
N GLN A 83 -8.22 -5.63 -11.93
CA GLN A 83 -9.12 -5.48 -10.77
C GLN A 83 -10.35 -4.62 -11.09
N ALA A 84 -10.16 -3.51 -11.80
CA ALA A 84 -11.27 -2.62 -12.15
C ALA A 84 -12.10 -3.05 -13.37
N GLU A 85 -11.49 -3.72 -14.34
CA GLU A 85 -12.20 -4.02 -15.61
C GLU A 85 -13.38 -4.97 -15.45
N ARG A 86 -13.28 -5.86 -14.46
CA ARG A 86 -14.40 -6.70 -14.06
C ARG A 86 -15.72 -5.92 -14.10
N TYR A 87 -15.69 -4.68 -13.61
CA TYR A 87 -16.89 -3.84 -13.46
C TYR A 87 -17.21 -2.99 -14.69
N ASN A 88 -16.45 -3.22 -15.76
CA ASN A 88 -16.68 -2.57 -17.06
C ASN A 88 -16.97 -1.06 -17.04
N PRO A 89 -16.03 -0.25 -16.51
CA PRO A 89 -16.19 1.20 -16.60
C PRO A 89 -15.94 1.68 -18.03
N ASP A 90 -16.60 2.78 -18.42
CA ASP A 90 -16.30 3.43 -19.69
C ASP A 90 -14.93 4.07 -19.57
N VAL A 91 -14.08 3.85 -20.57
CA VAL A 91 -12.77 4.47 -20.62
C VAL A 91 -12.67 5.36 -21.86
N VAL A 92 -12.40 6.64 -21.65
CA VAL A 92 -12.17 7.57 -22.74
C VAL A 92 -10.69 7.95 -22.75
N LEU A 93 -10.00 7.54 -23.81
CA LEU A 93 -8.59 7.84 -23.99
C LEU A 93 -8.42 9.02 -24.97
N ASN A 94 -7.24 9.63 -24.94
CA ASN A 94 -6.90 10.73 -25.84
C ASN A 94 -7.83 11.94 -25.71
N GLU A 95 -8.29 12.22 -24.50
CA GLU A 95 -9.12 13.39 -24.23
C GLU A 95 -8.75 14.03 -22.89
N THR A 96 -8.53 15.34 -22.93
CA THR A 96 -8.18 16.13 -21.77
C THR A 96 -9.38 16.94 -21.31
N VAL A 97 -9.78 16.78 -20.04
CA VAL A 97 -10.86 17.58 -19.48
C VAL A 97 -10.36 19.00 -19.22
N THR A 98 -11.09 19.97 -19.76
CA THR A 98 -10.66 21.37 -19.72
C THR A 98 -11.62 22.24 -18.94
N LYS A 99 -12.87 21.78 -18.81
CA LYS A 99 -13.87 22.52 -18.04
C LYS A 99 -14.96 21.61 -17.50
N TYR A 100 -15.73 22.13 -16.55
CA TYR A 100 -16.89 21.46 -15.99
C TYR A 100 -17.96 22.50 -15.70
N THR A 101 -19.19 22.04 -15.48
CA THR A 101 -20.25 22.89 -14.96
C THR A 101 -21.16 22.08 -14.05
N LYS A 102 -21.43 22.62 -12.86
CA LYS A 102 -22.47 22.06 -12.00
C LYS A 102 -23.81 22.70 -12.40
N LEU A 103 -24.80 21.85 -12.70
CA LEU A 103 -26.09 22.33 -13.18
C LEU A 103 -27.07 22.53 -12.01
N ASP A 104 -28.16 23.23 -12.29
CA ASP A 104 -29.24 23.50 -11.32
C ASP A 104 -29.63 22.28 -10.49
N ASP A 105 -29.53 21.10 -11.09
CA ASP A 105 -29.98 19.87 -10.43
C ASP A 105 -28.87 19.16 -9.63
N GLY A 106 -27.68 19.73 -9.61
CA GLY A 106 -26.55 19.17 -8.86
C GLY A 106 -25.67 18.22 -9.65
N THR A 107 -26.15 17.80 -10.82
CA THR A 107 -25.37 16.93 -11.70
C THR A 107 -24.26 17.73 -12.39
N PHE A 108 -23.39 17.04 -13.13
CA PHE A 108 -22.19 17.64 -13.66
C PHE A 108 -22.05 17.43 -15.16
N GLU A 109 -21.42 18.40 -15.80
CA GLU A 109 -21.04 18.28 -17.20
C GLU A 109 -19.57 18.64 -17.30
N THR A 110 -18.76 17.69 -17.73
CA THR A 110 -17.34 17.94 -17.93
C THR A 110 -17.02 17.94 -19.42
N ARG A 111 -16.20 18.92 -19.83
CA ARG A 111 -15.87 19.08 -21.25
C ARG A 111 -14.42 18.75 -21.54
N THR A 112 -14.20 18.05 -22.64
CA THR A 112 -12.85 17.70 -23.09
C THR A 112 -12.40 18.60 -24.25
N ASN A 113 -11.11 18.53 -24.58
CA ASN A 113 -10.52 19.40 -25.61
C ASN A 113 -11.08 19.18 -27.02
N THR A 114 -11.67 18.02 -27.26
CA THR A 114 -12.30 17.70 -28.54
C THR A 114 -13.78 18.11 -28.55
N GLY A 115 -14.17 18.98 -27.62
CA GLY A 115 -15.54 19.49 -27.55
C GLY A 115 -16.60 18.49 -27.08
N ASN A 116 -16.16 17.30 -26.69
CA ASN A 116 -17.07 16.30 -26.11
C ASN A 116 -17.49 16.63 -24.69
N VAL A 117 -18.78 16.49 -24.41
CA VAL A 117 -19.34 16.73 -23.07
C VAL A 117 -19.80 15.44 -22.40
N TYR A 118 -19.51 15.33 -21.11
CA TYR A 118 -19.79 14.11 -20.36
C TYR A 118 -20.61 14.41 -19.12
N ARG A 119 -21.68 13.65 -18.96
CA ARG A 119 -22.64 13.82 -17.88
C ARG A 119 -22.39 12.84 -16.74
N SER A 120 -22.45 13.36 -15.52
CA SER A 120 -22.28 12.57 -14.32
C SER A 120 -22.97 13.21 -13.13
N ARG A 121 -23.31 12.39 -12.13
CA ARG A 121 -23.91 12.87 -10.89
C ARG A 121 -22.89 13.52 -9.95
N ALA A 122 -21.60 13.22 -10.15
CA ALA A 122 -20.48 13.79 -9.39
C ALA A 122 -19.18 13.54 -10.17
N VAL A 123 -18.06 14.16 -9.74
CA VAL A 123 -16.79 13.91 -10.43
C VAL A 123 -15.56 13.82 -9.49
N LEU A 124 -14.60 12.99 -9.90
CA LEU A 124 -13.36 12.78 -9.17
C LEU A 124 -12.18 13.24 -10.02
N ILE A 125 -11.45 14.22 -9.52
CA ILE A 125 -10.21 14.67 -10.15
C ILE A 125 -9.08 13.82 -9.62
N ALA A 126 -8.47 13.05 -10.53
CA ALA A 126 -7.38 12.15 -10.21
C ALA A 126 -6.26 12.36 -11.23
N ALA A 127 -6.01 13.63 -11.52
CA ALA A 127 -5.20 14.06 -12.65
C ALA A 127 -3.71 14.21 -12.35
N GLY A 128 -3.30 13.86 -11.13
CA GLY A 128 -1.89 13.74 -10.78
C GLY A 128 -1.08 15.01 -10.88
N LEU A 129 -0.01 14.96 -11.68
CA LEU A 129 0.89 16.10 -11.87
C LEU A 129 0.93 16.58 -13.33
N GLY A 130 -0.25 16.63 -13.97
CA GLY A 130 -0.37 17.08 -15.35
C GLY A 130 -0.52 16.00 -16.41
N ALA A 131 -0.64 16.44 -17.67
CA ALA A 131 -0.98 15.56 -18.80
C ALA A 131 0.21 15.24 -19.71
N PHE A 132 1.41 15.23 -19.13
CA PHE A 132 2.65 14.83 -19.82
C PHE A 132 3.02 15.67 -21.05
N GLU A 133 3.06 16.98 -20.87
CA GLU A 133 3.62 17.86 -21.90
C GLU A 133 5.14 17.85 -21.83
N PRO A 134 5.82 17.71 -22.98
CA PRO A 134 7.28 17.77 -23.00
C PRO A 134 7.80 19.09 -22.43
N ARG A 135 8.80 18.98 -21.57
CA ARG A 135 9.50 20.13 -21.03
C ARG A 135 10.39 20.73 -22.12
N LYS A 136 10.57 22.04 -22.07
CA LYS A 136 11.28 22.74 -23.13
C LYS A 136 12.50 23.46 -22.58
N LEU A 137 13.17 24.19 -23.46
CA LEU A 137 14.23 25.09 -23.05
C LEU A 137 13.70 26.52 -23.24
N PRO A 138 12.99 27.05 -22.22
CA PRO A 138 12.33 28.37 -22.35
C PRO A 138 13.30 29.55 -22.44
N GLN A 139 14.57 29.32 -22.12
CA GLN A 139 15.62 30.34 -22.28
C GLN A 139 15.83 30.73 -23.75
N LEU A 140 15.39 29.86 -24.66
CA LEU A 140 15.45 30.10 -26.10
C LEU A 140 14.30 30.94 -26.64
N GLY A 141 13.34 31.27 -25.78
CA GLY A 141 12.20 32.09 -26.18
C GLY A 141 11.17 31.31 -26.97
N ASN A 142 10.25 32.01 -27.61
CA ASN A 142 9.25 31.38 -28.46
C ASN A 142 9.90 31.04 -29.79
N ILE A 143 10.20 29.76 -29.95
CA ILE A 143 10.80 29.21 -31.17
C ILE A 143 9.88 28.20 -31.87
N ASP A 144 8.57 28.50 -31.86
CA ASP A 144 7.56 27.71 -32.57
C ASP A 144 7.86 27.55 -34.07
N HIS A 145 8.42 28.60 -34.68
CA HIS A 145 8.76 28.59 -36.11
C HIS A 145 9.88 27.60 -36.47
N LEU A 146 10.67 27.21 -35.47
CA LEU A 146 11.69 26.18 -35.62
C LEU A 146 11.16 24.79 -35.24
N THR A 147 10.04 24.77 -34.50
CA THR A 147 9.52 23.54 -33.92
C THR A 147 8.94 22.65 -35.00
N GLY A 148 9.47 21.43 -35.08
CA GLY A 148 9.02 20.45 -36.07
C GLY A 148 9.72 20.61 -37.41
N SER A 149 10.80 21.39 -37.41
CA SER A 149 11.63 21.59 -38.60
C SER A 149 13.08 21.28 -38.23
N SER A 150 13.64 22.11 -37.35
CA SER A 150 15.01 21.91 -36.86
C SER A 150 15.08 21.64 -35.35
N VAL A 151 13.96 21.91 -34.65
CA VAL A 151 13.86 21.67 -33.19
C VAL A 151 12.73 20.69 -32.81
N TYR A 152 13.12 19.58 -32.18
CA TYR A 152 12.19 18.51 -31.82
C TYR A 152 12.24 18.17 -30.33
N TYR A 153 11.09 17.75 -29.81
CA TYR A 153 10.96 17.25 -28.43
C TYR A 153 10.73 15.74 -28.39
N ALA A 154 10.84 15.12 -29.57
CA ALA A 154 10.63 13.69 -29.77
C ALA A 154 11.05 13.32 -31.17
N VAL A 155 11.41 12.05 -31.36
CA VAL A 155 11.76 11.53 -32.67
C VAL A 155 10.58 10.76 -33.30
N LYS A 156 9.73 11.50 -34.02
CA LYS A 156 8.61 10.90 -34.76
C LYS A 156 9.06 10.27 -36.07
N SER A 157 10.29 10.56 -36.47
CA SER A 157 10.89 10.02 -37.70
C SER A 157 12.39 10.28 -37.70
N VAL A 158 13.17 9.25 -38.02
CA VAL A 158 14.64 9.37 -38.07
C VAL A 158 15.11 10.18 -39.29
N GLU A 159 14.30 10.15 -40.35
CA GLU A 159 14.52 10.98 -41.55
C GLU A 159 14.99 12.40 -41.22
N ASP A 160 14.33 13.00 -40.23
CA ASP A 160 14.62 14.36 -39.79
C ASP A 160 16.01 14.55 -39.23
N PHE A 161 16.60 13.47 -38.71
CA PHE A 161 17.93 13.53 -38.12
C PHE A 161 19.05 12.97 -39.01
N LYS A 162 18.71 12.53 -40.22
CA LYS A 162 19.66 11.82 -41.11
C LYS A 162 20.62 12.73 -41.85
N GLY A 163 21.91 12.49 -41.66
CA GLY A 163 22.98 13.32 -42.23
C GLY A 163 22.94 14.76 -41.74
N LYS A 164 22.59 14.92 -40.46
CA LYS A 164 22.47 16.24 -39.82
C LYS A 164 23.38 16.36 -38.60
N ARG A 165 23.77 17.59 -38.29
CA ARG A 165 24.49 17.88 -37.04
C ARG A 165 23.47 18.11 -35.93
N VAL A 166 23.46 17.22 -34.94
CA VAL A 166 22.41 17.22 -33.91
C VAL A 166 22.94 17.25 -32.48
N VAL A 167 22.41 18.19 -31.69
CA VAL A 167 22.66 18.20 -30.26
C VAL A 167 21.44 17.67 -29.47
N ILE A 168 21.73 16.89 -28.44
CA ILE A 168 20.71 16.21 -27.66
C ILE A 168 20.77 16.68 -26.22
N VAL A 169 19.60 17.07 -25.69
CA VAL A 169 19.50 17.56 -24.31
C VAL A 169 18.74 16.56 -23.44
N GLY A 170 19.32 16.24 -22.28
CA GLY A 170 18.71 15.34 -21.32
C GLY A 170 19.67 14.33 -20.72
N GLY A 171 19.22 13.64 -19.68
CA GLY A 171 20.03 12.63 -19.01
C GLY A 171 19.20 11.49 -18.46
N GLY A 172 18.07 11.21 -19.12
CA GLY A 172 17.24 10.05 -18.81
C GLY A 172 17.32 9.03 -19.93
N ASP A 173 16.49 7.99 -19.86
CA ASP A 173 16.54 6.90 -20.83
C ASP A 173 16.35 7.31 -22.28
N SER A 174 15.44 8.28 -22.51
CA SER A 174 15.18 8.78 -23.86
C SER A 174 16.38 9.47 -24.50
N ALA A 175 17.07 10.33 -23.74
CA ALA A 175 18.21 11.06 -24.27
C ALA A 175 19.40 10.14 -24.54
N LEU A 176 19.65 9.23 -23.61
CA LEU A 176 20.68 8.20 -23.75
C LEU A 176 20.47 7.34 -24.99
N ASP A 177 19.33 6.64 -25.04
CA ASP A 177 18.99 5.75 -26.15
C ASP A 177 19.23 6.39 -27.51
N TRP A 178 18.73 7.60 -27.70
CA TRP A 178 18.77 8.26 -29.01
C TRP A 178 20.14 8.81 -29.38
N THR A 179 21.01 9.00 -28.39
CA THR A 179 22.39 9.43 -28.67
C THR A 179 23.15 8.35 -29.41
N VAL A 180 22.89 7.08 -29.07
CA VAL A 180 23.52 5.96 -29.75
C VAL A 180 22.80 5.60 -31.07
N GLY A 181 21.49 5.81 -31.09
CA GLY A 181 20.67 5.47 -32.25
C GLY A 181 20.91 6.33 -33.47
N LEU A 182 21.44 7.53 -33.25
CA LEU A 182 21.62 8.51 -34.33
C LEU A 182 23.07 8.63 -34.83
N ILE A 183 24.00 7.99 -34.13
CA ILE A 183 25.41 7.94 -34.54
C ILE A 183 25.55 7.60 -36.03
N LYS A 184 24.91 6.50 -36.43
CA LYS A 184 24.97 6.02 -37.82
C LYS A 184 24.13 6.86 -38.79
N ASN A 185 23.05 7.44 -38.28
CA ASN A 185 22.15 8.25 -39.09
C ASN A 185 22.66 9.67 -39.37
N ALA A 186 23.18 10.32 -38.33
CA ALA A 186 23.51 11.74 -38.38
C ALA A 186 24.99 11.99 -38.69
N ALA A 187 25.27 13.18 -39.21
CA ALA A 187 26.63 13.64 -39.47
C ALA A 187 27.42 13.84 -38.17
N SER A 188 26.74 14.30 -37.12
CA SER A 188 27.35 14.38 -35.79
C SER A 188 26.31 14.34 -34.69
N VAL A 189 26.68 13.77 -33.54
CA VAL A 189 25.80 13.68 -32.38
C VAL A 189 26.50 14.22 -31.15
N THR A 190 25.85 15.17 -30.46
CA THR A 190 26.39 15.79 -29.26
C THR A 190 25.37 15.80 -28.10
N LEU A 191 25.70 15.11 -27.01
CA LEU A 191 24.83 15.05 -25.83
C LEU A 191 25.22 16.10 -24.79
N VAL A 192 24.22 16.82 -24.31
CA VAL A 192 24.39 17.87 -23.30
C VAL A 192 23.32 17.74 -22.20
N HIS A 193 23.78 17.57 -20.96
CA HIS A 193 22.88 17.38 -19.82
C HIS A 193 23.20 18.39 -18.71
N ARG A 194 22.15 18.94 -18.12
CA ARG A 194 22.26 19.88 -17.00
C ARG A 194 22.89 19.22 -15.77
N GLY A 195 22.51 17.96 -15.52
CA GLY A 195 22.96 17.22 -14.34
C GLY A 195 24.44 16.91 -14.27
N HIS A 196 24.88 16.51 -13.09
CA HIS A 196 26.27 16.14 -12.83
C HIS A 196 26.62 14.77 -13.41
N GLU A 197 25.61 13.91 -13.47
CA GLU A 197 25.74 12.55 -13.98
C GLU A 197 24.40 12.13 -14.62
N PHE A 198 24.36 10.93 -15.19
CA PHE A 198 23.18 10.45 -15.90
C PHE A 198 22.24 9.61 -15.04
N GLN A 199 20.93 9.85 -15.20
CA GLN A 199 19.90 9.17 -14.43
C GLN A 199 19.39 7.91 -15.13
N GLY A 200 19.01 6.92 -14.32
CA GLY A 200 18.65 5.59 -14.82
C GLY A 200 19.90 4.82 -15.20
N HIS A 201 20.85 4.74 -14.28
CA HIS A 201 22.17 4.17 -14.55
C HIS A 201 22.17 2.63 -14.56
N GLY A 202 21.88 2.06 -15.74
CA GLY A 202 21.82 0.62 -15.92
C GLY A 202 22.66 0.12 -17.09
N LYS A 203 22.11 -0.87 -17.81
CA LYS A 203 22.79 -1.50 -18.96
C LYS A 203 23.16 -0.47 -20.03
N THR A 204 22.17 0.33 -20.42
CA THR A 204 22.33 1.36 -21.45
C THR A 204 23.24 2.50 -21.01
N ALA A 205 23.25 2.78 -19.71
CA ALA A 205 24.11 3.80 -19.12
C ALA A 205 25.52 3.27 -18.78
N HIS A 206 25.69 1.95 -18.88
CA HIS A 206 27.01 1.35 -18.66
C HIS A 206 27.93 1.48 -19.88
N GLU A 207 27.33 1.65 -21.06
CA GLU A 207 28.09 1.70 -22.31
C GLU A 207 27.96 3.02 -23.09
N VAL A 208 27.43 4.05 -22.43
CA VAL A 208 27.27 5.37 -23.07
C VAL A 208 28.58 6.13 -23.28
N GLU A 209 29.52 5.96 -22.35
CA GLU A 209 30.78 6.69 -22.38
C GLU A 209 31.71 6.27 -23.53
N ARG A 210 31.43 5.11 -24.12
CA ARG A 210 32.28 4.51 -25.15
C ARG A 210 32.47 5.41 -26.38
N ALA A 211 31.36 5.84 -26.99
CA ALA A 211 31.39 6.69 -28.18
C ALA A 211 31.97 8.08 -27.90
N ARG A 212 31.91 8.48 -26.63
CA ARG A 212 32.49 9.73 -26.14
C ARG A 212 34.03 9.67 -26.18
N ALA A 213 34.61 8.64 -25.56
CA ALA A 213 36.05 8.40 -25.57
C ALA A 213 36.54 8.06 -26.98
N ASN A 214 35.72 7.29 -27.71
CA ASN A 214 35.94 6.93 -29.10
C ASN A 214 36.07 8.15 -30.03
N GLY A 215 35.35 9.22 -29.69
CA GLY A 215 35.36 10.45 -30.49
C GLY A 215 34.28 10.50 -31.56
N THR A 216 33.44 9.47 -31.62
CA THR A 216 32.31 9.45 -32.56
C THR A 216 31.20 10.42 -32.15
N ILE A 217 31.07 10.63 -30.83
CA ILE A 217 30.16 11.65 -30.28
C ILE A 217 30.86 12.56 -29.27
N ASP A 218 30.23 13.68 -28.95
CA ASP A 218 30.64 14.54 -27.84
C ASP A 218 29.60 14.51 -26.73
N VAL A 219 30.08 14.41 -25.48
CA VAL A 219 29.20 14.44 -24.31
C VAL A 219 29.62 15.55 -23.36
N TYR A 220 28.63 16.33 -22.91
CA TYR A 220 28.86 17.39 -21.93
C TYR A 220 27.87 17.31 -20.78
N LEU A 221 28.35 16.95 -19.60
CA LEU A 221 27.57 17.07 -18.38
C LEU A 221 27.82 18.43 -17.76
N GLU A 222 26.94 18.83 -16.84
CA GLU A 222 27.00 20.11 -16.16
C GLU A 222 26.91 21.32 -17.10
N THR A 223 26.43 21.10 -18.32
CA THR A 223 26.24 22.20 -19.27
C THR A 223 24.79 22.33 -19.77
N GLU A 224 24.43 23.53 -20.19
CA GLU A 224 23.08 23.81 -20.67
C GLU A 224 23.11 24.64 -21.95
N VAL A 225 22.02 24.61 -22.69
CA VAL A 225 21.89 25.47 -23.86
C VAL A 225 21.63 26.89 -23.37
N ALA A 226 22.46 27.82 -23.84
CA ALA A 226 22.36 29.22 -23.48
C ALA A 226 21.61 30.02 -24.54
N SER A 227 21.77 29.62 -25.80
CA SER A 227 21.13 30.28 -26.93
C SER A 227 21.40 29.49 -28.19
N ILE A 228 20.76 29.90 -29.27
CA ILE A 228 20.88 29.24 -30.56
C ILE A 228 21.00 30.27 -31.69
N GLU A 229 21.54 29.83 -32.82
CA GLU A 229 21.59 30.67 -34.02
C GLU A 229 20.78 30.05 -35.13
N GLU A 230 20.18 30.89 -35.96
CA GLU A 230 19.39 30.43 -37.11
C GLU A 230 19.64 31.27 -38.36
N SER A 231 19.47 30.65 -39.52
CA SER A 231 19.57 31.32 -40.81
C SER A 231 18.56 30.68 -41.75
N ASN A 232 17.85 31.52 -42.51
CA ASN A 232 16.72 31.10 -43.37
C ASN A 232 15.76 30.05 -42.77
N GLY A 233 15.35 30.30 -41.54
CA GLY A 233 14.32 29.50 -40.85
C GLY A 233 14.75 28.13 -40.38
N VAL A 234 16.06 27.95 -40.18
CA VAL A 234 16.60 26.67 -39.71
C VAL A 234 17.77 26.89 -38.75
N LEU A 235 17.87 26.01 -37.75
CA LEU A 235 18.98 26.01 -36.79
C LEU A 235 20.32 25.99 -37.52
N THR A 236 21.29 26.74 -37.00
CA THR A 236 22.65 26.72 -37.56
C THR A 236 23.70 26.32 -36.53
N ARG A 237 23.55 26.80 -35.30
CA ARG A 237 24.46 26.44 -34.20
C ARG A 237 23.86 26.67 -32.80
N VAL A 238 24.46 25.98 -31.82
CA VAL A 238 23.96 25.97 -30.45
C VAL A 238 25.07 26.44 -29.51
N HIS A 239 24.74 27.42 -28.66
CA HIS A 239 25.66 27.93 -27.65
C HIS A 239 25.45 27.19 -26.32
N LEU A 240 26.55 26.74 -25.75
CA LEU A 240 26.54 25.95 -24.51
C LEU A 240 27.21 26.72 -23.37
N ARG A 241 26.90 26.33 -22.13
CA ARG A 241 27.44 26.97 -20.94
C ARG A 241 27.53 25.96 -19.80
N SER A 242 28.71 25.83 -19.21
CA SER A 242 28.89 24.94 -18.06
C SER A 242 28.70 25.67 -16.73
N SER A 243 28.60 24.90 -15.64
CA SER A 243 28.48 25.46 -14.29
C SER A 243 29.63 26.41 -13.88
N ASP A 244 30.80 26.20 -14.46
CA ASP A 244 31.98 27.02 -14.13
C ASP A 244 32.09 28.26 -15.03
N GLY A 245 31.12 28.45 -15.92
CA GLY A 245 31.09 29.60 -16.81
C GLY A 245 31.80 29.39 -18.14
N SER A 246 32.16 28.14 -18.43
CA SER A 246 32.80 27.80 -19.70
C SER A 246 31.78 27.89 -20.82
N LYS A 247 32.11 28.64 -21.86
CA LYS A 247 31.18 28.90 -22.95
C LYS A 247 31.78 28.57 -24.31
N TRP A 248 31.06 27.78 -25.09
CA TRP A 248 31.46 27.48 -26.47
C TRP A 248 30.26 27.32 -27.39
N THR A 249 30.52 27.43 -28.68
CA THR A 249 29.50 27.30 -29.72
C THR A 249 29.78 26.08 -30.60
N VAL A 250 28.72 25.38 -30.99
CA VAL A 250 28.86 24.21 -31.86
C VAL A 250 27.88 24.23 -33.04
N GLU A 251 28.36 23.77 -34.20
CA GLU A 251 27.53 23.69 -35.40
C GLU A 251 26.47 22.59 -35.23
N ALA A 252 25.21 22.98 -35.39
CA ALA A 252 24.10 22.05 -35.22
C ALA A 252 22.94 22.37 -36.14
N ASP A 253 22.46 21.33 -36.82
CA ASP A 253 21.36 21.44 -37.77
C ASP A 253 20.05 21.09 -37.06
N ARG A 254 20.17 20.23 -36.05
CA ARG A 254 19.03 19.70 -35.31
C ARG A 254 19.19 19.86 -33.80
N LEU A 255 18.07 20.12 -33.13
CA LEU A 255 18.06 20.16 -31.67
C LEU A 255 17.05 19.13 -31.15
N LEU A 256 17.51 18.21 -30.31
CA LEU A 256 16.63 17.17 -29.80
C LEU A 256 16.58 17.20 -28.27
N ILE A 257 15.45 17.68 -27.76
CA ILE A 257 15.27 17.98 -26.35
C ILE A 257 14.43 16.91 -25.64
N LEU A 258 15.09 16.11 -24.80
CA LEU A 258 14.45 15.06 -24.02
C LEU A 258 14.74 15.21 -22.54
N ILE A 259 14.14 16.21 -21.92
CA ILE A 259 14.39 16.52 -20.51
C ILE A 259 13.18 16.22 -19.63
N GLY A 260 12.31 15.32 -20.09
CA GLY A 260 11.16 14.87 -19.33
C GLY A 260 9.87 15.62 -19.66
N PHE A 261 9.02 15.79 -18.65
CA PHE A 261 7.68 16.33 -18.84
C PHE A 261 7.29 17.35 -17.76
N LYS A 262 6.44 18.31 -18.13
CA LYS A 262 6.05 19.39 -17.21
C LYS A 262 5.02 18.95 -16.17
N SER A 263 5.06 19.62 -15.02
CA SER A 263 4.29 19.27 -13.85
C SER A 263 3.47 20.46 -13.32
N ASN A 264 2.23 20.58 -13.79
CA ASN A 264 1.24 21.55 -13.29
C ASN A 264 -0.18 21.10 -13.65
N LEU A 265 -1.17 21.74 -13.04
CA LEU A 265 -2.58 21.33 -13.16
C LEU A 265 -3.17 21.50 -14.55
N GLY A 266 -2.39 22.06 -15.48
CA GLY A 266 -2.86 22.34 -16.83
C GLY A 266 -4.10 23.22 -16.82
N PRO A 267 -5.15 22.81 -17.55
CA PRO A 267 -6.41 23.57 -17.59
C PRO A 267 -7.17 23.62 -16.26
N LEU A 268 -6.91 22.65 -15.38
CA LEU A 268 -7.60 22.53 -14.09
C LEU A 268 -7.09 23.56 -13.06
N ALA A 269 -6.01 24.27 -13.42
CA ALA A 269 -5.48 25.37 -12.63
C ALA A 269 -6.41 26.58 -12.63
N ARG A 270 -7.18 26.72 -13.70
CA ARG A 270 -8.06 27.87 -13.92
C ARG A 270 -9.51 27.55 -13.59
N TRP A 271 -9.72 26.42 -12.91
CA TRP A 271 -10.99 26.14 -12.26
C TRP A 271 -10.89 26.84 -10.91
N ASP A 272 -11.93 27.56 -10.53
CA ASP A 272 -11.84 28.44 -9.37
C ASP A 272 -11.87 27.66 -8.05
N LEU A 273 -10.88 26.80 -7.88
CA LEU A 273 -10.78 25.91 -6.72
C LEU A 273 -9.55 26.23 -5.91
N GLU A 274 -9.68 26.15 -4.59
CA GLU A 274 -8.59 26.40 -3.68
C GLU A 274 -7.37 25.57 -4.03
N LEU A 275 -6.24 26.25 -4.20
CA LEU A 275 -4.98 25.62 -4.50
C LEU A 275 -4.01 25.78 -3.34
N TYR A 276 -3.02 24.90 -3.29
CA TYR A 276 -1.94 25.01 -2.34
C TYR A 276 -0.77 24.30 -2.96
N GLU A 277 0.19 25.09 -3.44
CA GLU A 277 1.41 24.58 -4.04
C GLU A 277 1.14 23.63 -5.21
N ASN A 278 0.47 24.15 -6.24
CA ASN A 278 0.16 23.41 -7.48
C ASN A 278 -0.71 22.17 -7.31
N ALA A 279 -1.35 22.04 -6.15
CA ALA A 279 -2.23 20.90 -5.85
C ALA A 279 -3.60 21.41 -5.44
N LEU A 280 -4.63 20.56 -5.58
CA LEU A 280 -5.98 20.91 -5.15
C LEU A 280 -6.21 20.61 -3.69
N VAL A 281 -6.62 21.63 -2.93
CA VAL A 281 -6.88 21.50 -1.50
C VAL A 281 -8.16 20.68 -1.29
N VAL A 282 -8.13 19.83 -0.27
CA VAL A 282 -9.11 18.78 -0.14
C VAL A 282 -9.41 18.58 1.34
N ASP A 283 -10.67 18.34 1.68
CA ASP A 283 -11.04 18.13 3.09
C ASP A 283 -10.87 16.65 3.48
N SER A 284 -11.41 16.29 4.65
CA SER A 284 -11.25 14.96 5.23
C SER A 284 -11.93 13.84 4.43
N HIS A 285 -12.82 14.22 3.50
CA HIS A 285 -13.50 13.25 2.63
C HIS A 285 -13.00 13.30 1.19
N MET A 286 -11.87 13.99 0.99
CA MET A 286 -11.28 14.21 -0.33
C MET A 286 -12.13 15.16 -1.21
N LYS A 287 -12.99 15.94 -0.57
CA LYS A 287 -13.87 16.87 -1.25
C LYS A 287 -13.23 18.26 -1.44
N THR A 288 -13.34 18.80 -2.65
CA THR A 288 -12.95 20.20 -2.93
C THR A 288 -14.02 21.13 -2.38
N SER A 289 -13.86 22.42 -2.66
CA SER A 289 -14.80 23.45 -2.22
C SER A 289 -16.21 23.17 -2.75
N VAL A 290 -16.28 22.54 -3.92
CA VAL A 290 -17.56 22.28 -4.58
C VAL A 290 -18.06 20.88 -4.25
N ASP A 291 -19.27 20.80 -3.71
CA ASP A 291 -19.91 19.51 -3.42
C ASP A 291 -19.97 18.63 -4.66
N GLY A 292 -19.71 17.34 -4.47
CA GLY A 292 -19.74 16.39 -5.57
C GLY A 292 -18.54 16.52 -6.49
N LEU A 293 -17.60 17.38 -6.10
CA LEU A 293 -16.33 17.50 -6.82
C LEU A 293 -15.21 17.10 -5.86
N TYR A 294 -14.49 16.04 -6.23
CA TYR A 294 -13.48 15.44 -5.36
C TYR A 294 -12.12 15.43 -6.04
N ALA A 295 -11.07 15.27 -5.23
CA ALA A 295 -9.72 15.08 -5.75
C ALA A 295 -8.98 14.01 -4.95
N ALA A 296 -8.14 13.24 -5.62
CA ALA A 296 -7.37 12.18 -4.98
C ALA A 296 -6.08 11.93 -5.74
N GLY A 297 -5.05 11.48 -5.02
CA GLY A 297 -3.75 11.16 -5.62
C GLY A 297 -2.78 12.32 -5.54
N ASP A 298 -1.74 12.28 -6.38
CA ASP A 298 -0.73 13.36 -6.44
C ASP A 298 -1.31 14.76 -6.54
N ILE A 299 -2.49 14.89 -7.14
CA ILE A 299 -3.12 16.20 -7.34
C ILE A 299 -3.78 16.78 -6.08
N ALA A 300 -4.16 15.92 -5.13
CA ALA A 300 -4.85 16.38 -3.92
C ALA A 300 -3.88 16.79 -2.81
N TYR A 301 -4.25 17.83 -2.05
CA TYR A 301 -3.46 18.26 -0.91
C TYR A 301 -4.30 18.38 0.35
N TYR A 302 -3.74 17.88 1.45
CA TYR A 302 -4.26 18.06 2.80
C TYR A 302 -3.01 17.96 3.70
N PRO A 303 -3.04 18.62 4.89
CA PRO A 303 -1.89 18.53 5.80
C PRO A 303 -1.41 17.09 5.97
N GLY A 304 -0.11 16.85 5.76
CA GLY A 304 0.46 15.50 5.85
C GLY A 304 0.49 14.67 4.57
N LYS A 305 -0.03 15.21 3.46
CA LYS A 305 -0.09 14.48 2.18
C LYS A 305 1.29 14.02 1.74
N LEU A 306 1.41 12.73 1.40
CA LEU A 306 2.60 12.22 0.74
C LEU A 306 2.21 11.88 -0.69
N LYS A 307 3.04 12.26 -1.65
CA LYS A 307 2.71 12.01 -3.05
C LYS A 307 3.34 10.71 -3.50
N ILE A 308 2.65 9.63 -3.13
CA ILE A 308 3.05 8.26 -3.43
C ILE A 308 1.81 7.48 -3.85
N ILE A 309 2.03 6.27 -4.36
CA ILE A 309 0.97 5.40 -4.82
C ILE A 309 0.04 4.96 -3.67
N GLN A 310 0.63 4.42 -2.59
CA GLN A 310 -0.13 3.85 -1.46
C GLN A 310 -1.23 4.79 -1.00
N THR A 311 -0.86 6.05 -0.91
CA THR A 311 -1.68 7.08 -0.32
C THR A 311 -2.79 7.52 -1.32
N GLY A 312 -2.46 7.60 -2.62
CA GLY A 312 -3.47 7.86 -3.64
C GLY A 312 -4.58 6.82 -3.66
N LEU A 313 -4.22 5.56 -3.43
CA LEU A 313 -5.17 4.44 -3.36
C LEU A 313 -6.21 4.61 -2.23
N SER A 314 -5.73 4.93 -1.04
CA SER A 314 -6.58 5.27 0.11
C SER A 314 -7.53 6.42 -0.17
N GLU A 315 -6.99 7.47 -0.79
CA GLU A 315 -7.73 8.68 -1.11
C GLU A 315 -8.84 8.41 -2.12
N ALA A 316 -8.57 7.53 -3.09
CA ALA A 316 -9.59 7.09 -4.04
C ALA A 316 -10.72 6.35 -3.33
N THR A 317 -10.36 5.46 -2.40
CA THR A 317 -11.37 4.75 -1.60
C THR A 317 -12.25 5.72 -0.81
N MET A 318 -11.65 6.77 -0.27
CA MET A 318 -12.36 7.72 0.59
C MET A 318 -13.24 8.70 -0.18
N ALA A 319 -12.73 9.18 -1.32
CA ALA A 319 -13.49 10.02 -2.24
C ALA A 319 -14.74 9.32 -2.76
N VAL A 320 -14.58 8.14 -3.34
CA VAL A 320 -15.70 7.35 -3.86
C VAL A 320 -16.76 7.03 -2.78
N ARG A 321 -16.30 6.60 -1.61
CA ARG A 321 -17.16 6.32 -0.47
C ARG A 321 -18.05 7.52 -0.09
N HIS A 322 -17.46 8.68 0.17
CA HIS A 322 -18.24 9.87 0.52
C HIS A 322 -19.11 10.37 -0.64
N SER A 323 -18.63 10.22 -1.87
CA SER A 323 -19.39 10.59 -3.08
C SER A 323 -20.75 9.92 -3.15
N LEU A 324 -20.87 8.74 -2.54
CA LEU A 324 -22.14 8.01 -2.47
C LEU A 324 -23.22 8.80 -1.70
N SER A 325 -22.80 9.70 -0.83
CA SER A 325 -23.75 10.54 -0.10
C SER A 325 -24.22 11.69 -0.97
N TYR A 326 -23.43 12.04 -1.97
CA TYR A 326 -23.81 13.05 -2.94
C TYR A 326 -24.60 12.45 -4.10
N ILE A 327 -24.07 11.38 -4.68
CA ILE A 327 -24.65 10.73 -5.84
C ILE A 327 -26.06 10.22 -5.56
N LYS A 328 -26.17 9.38 -4.53
CA LYS A 328 -27.46 8.86 -4.08
C LYS A 328 -27.68 9.17 -2.59
N PRO A 329 -28.20 10.37 -2.28
CA PRO A 329 -28.47 10.76 -0.88
C PRO A 329 -29.62 9.94 -0.27
N GLY A 330 -29.27 8.96 0.56
CA GLY A 330 -30.25 8.04 1.14
C GLY A 330 -30.30 8.09 2.66
N ASP B 13 18.74 -5.20 21.78
CA ASP B 13 18.07 -4.32 22.78
C ASP B 13 17.37 -3.12 22.13
N MET B 14 18.14 -2.09 21.78
CA MET B 14 17.57 -0.85 21.27
C MET B 14 17.19 -0.99 19.79
N ARG B 15 15.92 -0.68 19.50
CA ARG B 15 15.41 -0.58 18.13
C ARG B 15 14.93 0.84 17.91
N ASP B 16 14.85 1.27 16.66
CA ASP B 16 14.30 2.58 16.36
C ASP B 16 12.80 2.69 16.65
N LEU B 17 12.04 1.65 16.29
CA LEU B 17 10.60 1.67 16.48
C LEU B 17 10.09 0.37 17.09
N THR B 18 9.31 0.50 18.15
CA THR B 18 8.52 -0.62 18.64
C THR B 18 7.12 -0.51 18.04
N ILE B 19 6.71 -1.58 17.35
CA ILE B 19 5.39 -1.68 16.75
C ILE B 19 4.54 -2.61 17.60
N ILE B 20 3.47 -2.06 18.17
CA ILE B 20 2.58 -2.85 19.00
C ILE B 20 1.49 -3.39 18.12
N GLY B 21 1.54 -4.70 17.86
CA GLY B 21 0.53 -5.36 17.02
C GLY B 21 1.09 -5.75 15.68
N GLY B 22 0.76 -6.98 15.26
CA GLY B 22 1.22 -7.55 14.00
C GLY B 22 0.08 -7.94 13.07
N GLY B 23 -0.93 -7.07 12.98
CA GLY B 23 -1.93 -7.18 11.92
C GLY B 23 -1.34 -6.58 10.65
N PRO B 24 -2.14 -6.46 9.58
CA PRO B 24 -1.63 -5.92 8.31
C PRO B 24 -0.92 -4.56 8.46
N THR B 25 -1.45 -3.69 9.33
CA THR B 25 -0.91 -2.34 9.56
C THR B 25 0.48 -2.39 10.19
N GLY B 26 0.64 -3.22 11.22
CA GLY B 26 1.93 -3.44 11.85
C GLY B 26 2.98 -4.11 10.96
N ILE B 27 2.55 -5.09 10.17
CA ILE B 27 3.46 -5.78 9.25
C ILE B 27 3.99 -4.84 8.16
N PHE B 28 3.10 -4.02 7.60
CA PHE B 28 3.50 -3.03 6.62
C PHE B 28 4.40 -1.95 7.22
N ALA B 29 4.09 -1.49 8.43
CA ALA B 29 4.93 -0.52 9.15
C ALA B 29 6.36 -1.03 9.39
N ALA B 30 6.49 -2.32 9.70
CA ALA B 30 7.80 -2.96 9.84
C ALA B 30 8.54 -2.99 8.51
N PHE B 31 7.80 -3.23 7.42
CA PHE B 31 8.41 -3.15 6.09
C PHE B 31 8.89 -1.73 5.83
N GLN B 32 8.06 -0.75 6.19
CA GLN B 32 8.35 0.66 6.00
C GLN B 32 9.60 1.10 6.76
N CYS B 33 9.76 0.57 7.97
CA CYS B 33 10.99 0.74 8.74
C CYS B 33 12.23 0.33 7.94
N GLY B 34 12.20 -0.87 7.39
CA GLY B 34 13.29 -1.36 6.55
C GLY B 34 13.56 -0.46 5.36
N MET B 35 12.50 -0.15 4.60
CA MET B 35 12.59 0.83 3.51
C MET B 35 13.27 2.14 3.91
N ASN B 36 13.13 2.52 5.18
CA ASN B 36 13.63 3.81 5.65
C ASN B 36 14.87 3.68 6.52
N ASN B 37 15.51 2.52 6.42
CA ASN B 37 16.78 2.21 7.06
C ASN B 37 16.79 2.41 8.58
N ILE B 38 15.67 2.08 9.21
CA ILE B 38 15.57 2.07 10.67
C ILE B 38 15.16 0.68 11.16
N SER B 39 15.63 0.31 12.36
CA SER B 39 15.32 -1.00 12.93
C SER B 39 14.02 -0.98 13.72
N CYS B 40 13.42 -2.15 13.90
CA CYS B 40 12.15 -2.24 14.57
C CYS B 40 11.90 -3.61 15.17
N ARG B 41 10.85 -3.69 15.97
CA ARG B 41 10.27 -4.94 16.42
C ARG B 41 8.75 -4.85 16.35
N ILE B 42 8.14 -5.97 16.00
CA ILE B 42 6.71 -6.18 16.15
C ILE B 42 6.49 -6.96 17.44
N ILE B 43 5.69 -6.39 18.35
CA ILE B 43 5.20 -7.12 19.51
C ILE B 43 3.74 -7.51 19.26
N GLU B 44 3.50 -8.82 19.19
CA GLU B 44 2.16 -9.37 18.94
C GLU B 44 1.70 -10.31 20.04
N SER B 45 0.44 -10.19 20.45
CA SER B 45 -0.10 -10.98 21.54
C SER B 45 -0.61 -12.37 21.12
N MET B 46 -0.97 -12.50 19.84
CA MET B 46 -1.34 -13.79 19.24
C MET B 46 -0.09 -14.69 19.06
N PRO B 47 -0.30 -16.01 18.93
CA PRO B 47 0.81 -16.91 18.56
C PRO B 47 1.27 -16.80 17.11
N GLN B 48 0.60 -15.97 16.31
CA GLN B 48 1.00 -15.69 14.93
C GLN B 48 0.65 -14.25 14.54
N LEU B 49 1.20 -13.80 13.41
CA LEU B 49 0.89 -12.50 12.86
C LEU B 49 -0.40 -12.57 12.05
N GLY B 50 -0.99 -11.41 11.79
CA GLY B 50 -2.14 -11.33 10.87
C GLY B 50 -3.37 -10.61 11.33
N GLY B 51 -3.49 -10.36 12.64
CA GLY B 51 -4.60 -9.57 13.18
C GLY B 51 -5.95 -10.20 12.93
N GLN B 52 -6.95 -9.35 12.67
CA GLN B 52 -8.31 -9.81 12.36
C GLN B 52 -8.36 -10.75 11.16
N LEU B 53 -7.38 -10.62 10.27
CA LEU B 53 -7.32 -11.47 9.08
C LEU B 53 -6.99 -12.91 9.45
N ALA B 54 -5.90 -13.12 10.19
CA ALA B 54 -5.53 -14.44 10.69
C ALA B 54 -6.49 -14.98 11.77
N ALA B 55 -7.03 -14.08 12.60
CA ALA B 55 -7.86 -14.48 13.73
C ALA B 55 -9.33 -14.71 13.40
N LEU B 56 -9.93 -13.82 12.62
CA LEU B 56 -11.39 -13.82 12.44
C LEU B 56 -11.89 -14.30 11.09
N TYR B 57 -11.07 -14.19 10.04
CA TYR B 57 -11.51 -14.61 8.72
C TYR B 57 -10.42 -15.11 7.77
N PRO B 58 -9.52 -15.99 8.26
CA PRO B 58 -8.34 -16.38 7.48
C PRO B 58 -8.66 -16.91 6.08
N GLU B 59 -9.72 -17.69 5.95
CA GLU B 59 -10.08 -18.36 4.69
C GLU B 59 -10.90 -17.48 3.74
N LYS B 60 -11.53 -16.45 4.30
CA LYS B 60 -12.38 -15.53 3.56
C LYS B 60 -11.58 -14.72 2.53
N HIS B 61 -12.18 -14.58 1.35
CA HIS B 61 -11.60 -13.83 0.23
C HIS B 61 -11.78 -12.31 0.39
N ILE B 62 -10.69 -11.58 0.17
CA ILE B 62 -10.69 -10.11 0.22
C ILE B 62 -10.69 -9.56 -1.21
N TYR B 63 -11.55 -8.58 -1.48
CA TYR B 63 -11.74 -8.04 -2.82
C TYR B 63 -11.32 -6.59 -2.99
N ASP B 64 -11.23 -5.84 -1.87
CA ASP B 64 -11.04 -4.40 -1.92
C ASP B 64 -9.66 -3.90 -1.50
N VAL B 65 -8.65 -4.74 -1.70
CA VAL B 65 -7.27 -4.33 -1.52
C VAL B 65 -6.62 -4.16 -2.89
N ALA B 66 -6.03 -2.98 -3.11
CA ALA B 66 -5.46 -2.59 -4.39
C ALA B 66 -4.51 -3.64 -4.92
N GLY B 67 -4.75 -4.06 -6.17
CA GLY B 67 -3.84 -4.95 -6.88
C GLY B 67 -4.10 -6.42 -6.63
N PHE B 68 -5.02 -6.71 -5.70
CA PHE B 68 -5.40 -8.08 -5.39
C PHE B 68 -6.86 -8.31 -5.82
N PRO B 69 -7.07 -8.98 -6.97
CA PRO B 69 -8.40 -9.18 -7.53
C PRO B 69 -9.27 -9.99 -6.58
N GLU B 70 -8.63 -10.93 -5.90
CA GLU B 70 -9.26 -11.83 -4.98
C GLU B 70 -8.06 -12.45 -4.27
N VAL B 71 -8.14 -12.52 -2.95
CA VAL B 71 -7.07 -13.07 -2.12
C VAL B 71 -7.61 -13.56 -0.77
N PRO B 72 -7.38 -14.84 -0.42
CA PRO B 72 -7.72 -15.23 0.95
C PRO B 72 -6.97 -14.34 1.96
N ALA B 73 -7.67 -13.95 3.02
CA ALA B 73 -7.13 -13.05 4.04
C ALA B 73 -5.76 -13.48 4.55
N ILE B 74 -5.60 -14.79 4.73
CA ILE B 74 -4.39 -15.36 5.31
C ILE B 74 -3.24 -15.35 4.28
N ASP B 75 -3.59 -15.40 2.99
CA ASP B 75 -2.63 -15.27 1.91
C ASP B 75 -2.13 -13.84 1.78
N LEU B 76 -3.02 -12.87 2.03
CA LEU B 76 -2.65 -11.45 2.05
C LEU B 76 -1.64 -11.18 3.16
N VAL B 77 -1.92 -11.69 4.36
CA VAL B 77 -1.00 -11.63 5.49
C VAL B 77 0.38 -12.19 5.11
N GLU B 78 0.37 -13.30 4.39
CA GLU B 78 1.57 -13.96 3.89
C GLU B 78 2.37 -13.09 2.92
N SER B 79 1.68 -12.48 1.95
CA SER B 79 2.29 -11.51 1.02
C SER B 79 2.90 -10.30 1.72
N LEU B 80 2.20 -9.78 2.73
CA LEU B 80 2.69 -8.61 3.47
C LEU B 80 3.91 -9.00 4.30
N TRP B 81 3.86 -10.18 4.90
CA TRP B 81 5.00 -10.70 5.65
C TRP B 81 6.21 -10.95 4.74
N ALA B 82 5.99 -11.60 3.60
CA ALA B 82 7.05 -11.86 2.62
C ALA B 82 7.76 -10.58 2.22
N GLN B 83 6.97 -9.51 2.10
CA GLN B 83 7.48 -8.18 1.80
C GLN B 83 8.31 -7.62 2.97
N ALA B 84 7.81 -7.79 4.19
CA ALA B 84 8.51 -7.27 5.38
C ALA B 84 9.75 -8.07 5.76
N GLU B 85 9.71 -9.40 5.61
CA GLU B 85 10.84 -10.25 6.01
C GLU B 85 12.14 -9.98 5.26
N ARG B 86 12.07 -9.17 4.19
CA ARG B 86 13.24 -8.65 3.48
C ARG B 86 14.29 -8.06 4.45
N TYR B 87 13.82 -7.39 5.49
CA TYR B 87 14.69 -6.71 6.43
C TYR B 87 14.84 -7.46 7.76
N ASN B 88 14.26 -8.66 7.83
CA ASN B 88 14.35 -9.53 9.01
C ASN B 88 14.06 -8.78 10.32
N PRO B 89 12.87 -8.14 10.42
CA PRO B 89 12.54 -7.41 11.65
C PRO B 89 12.29 -8.35 12.84
N ASP B 90 12.56 -7.87 14.05
CA ASP B 90 12.27 -8.63 15.27
C ASP B 90 10.77 -8.88 15.43
N VAL B 91 10.42 -10.09 15.86
CA VAL B 91 9.03 -10.45 16.10
C VAL B 91 8.85 -11.12 17.46
N VAL B 92 8.17 -10.43 18.36
CA VAL B 92 7.83 -10.97 19.68
C VAL B 92 6.37 -11.45 19.70
N LEU B 93 6.19 -12.77 19.75
CA LEU B 93 4.85 -13.36 19.77
C LEU B 93 4.43 -13.72 21.19
N ASN B 94 3.13 -13.94 21.38
CA ASN B 94 2.56 -14.32 22.68
C ASN B 94 2.86 -13.34 23.83
N GLU B 95 3.02 -12.06 23.49
CA GLU B 95 3.16 -11.03 24.52
C GLU B 95 2.24 -9.86 24.25
N THR B 96 1.58 -9.41 25.31
CA THR B 96 0.67 -8.27 25.26
C THR B 96 1.31 -7.08 25.97
N VAL B 97 1.52 -6.01 25.20
CA VAL B 97 1.99 -4.73 25.75
C VAL B 97 0.92 -4.20 26.70
N THR B 98 1.35 -3.84 27.90
CA THR B 98 0.44 -3.36 28.94
C THR B 98 0.67 -1.89 29.30
N LYS B 99 1.92 -1.43 29.14
CA LYS B 99 2.22 0.01 29.30
C LYS B 99 3.53 0.41 28.64
N TYR B 100 3.73 1.72 28.55
CA TYR B 100 4.93 2.32 28.01
C TYR B 100 5.40 3.39 28.97
N THR B 101 6.69 3.69 28.92
CA THR B 101 7.19 4.88 29.59
C THR B 101 8.07 5.65 28.63
N LYS B 102 7.82 6.94 28.53
CA LYS B 102 8.72 7.88 27.90
C LYS B 102 9.74 8.29 28.96
N LEU B 103 11.00 7.93 28.72
CA LEU B 103 12.09 8.25 29.63
C LEU B 103 12.60 9.67 29.40
N ASP B 104 13.47 10.13 30.31
CA ASP B 104 13.97 11.50 30.31
C ASP B 104 14.70 11.87 29.02
N ASP B 105 15.39 10.90 28.41
CA ASP B 105 16.07 11.10 27.14
C ASP B 105 15.12 11.14 25.94
N GLY B 106 13.85 10.80 26.17
CA GLY B 106 12.84 10.83 25.12
C GLY B 106 12.64 9.49 24.42
N THR B 107 13.53 8.54 24.65
CA THR B 107 13.32 7.17 24.19
C THR B 107 12.19 6.55 25.00
N PHE B 108 11.74 5.37 24.59
CA PHE B 108 10.58 4.72 25.19
C PHE B 108 10.94 3.36 25.77
N GLU B 109 10.15 2.92 26.74
CA GLU B 109 10.17 1.54 27.20
C GLU B 109 8.75 1.02 27.13
N THR B 110 8.59 -0.17 26.56
CA THR B 110 7.29 -0.84 26.59
C THR B 110 7.42 -2.12 27.41
N ARG B 111 6.41 -2.38 28.22
CA ARG B 111 6.39 -3.57 29.07
C ARG B 111 5.23 -4.47 28.64
N THR B 112 5.48 -5.77 28.62
CA THR B 112 4.43 -6.74 28.32
C THR B 112 3.88 -7.44 29.56
N ASN B 113 2.89 -8.30 29.35
CA ASN B 113 2.25 -9.04 30.44
C ASN B 113 3.16 -10.08 31.08
N THR B 114 4.20 -10.52 30.35
CA THR B 114 5.17 -11.50 30.85
C THR B 114 6.34 -10.83 31.58
N GLY B 115 6.23 -9.53 31.80
CA GLY B 115 7.25 -8.78 32.56
C GLY B 115 8.45 -8.32 31.77
N ASN B 116 8.48 -8.63 30.47
CA ASN B 116 9.58 -8.17 29.60
C ASN B 116 9.45 -6.69 29.25
N VAL B 117 10.60 -6.01 29.14
CA VAL B 117 10.66 -4.61 28.75
C VAL B 117 11.46 -4.45 27.47
N TYR B 118 11.00 -3.55 26.61
CA TYR B 118 11.60 -3.34 25.30
C TYR B 118 11.87 -1.85 25.09
N ARG B 119 13.10 -1.54 24.68
CA ARG B 119 13.52 -0.18 24.45
C ARG B 119 13.43 0.18 22.96
N SER B 120 13.02 1.42 22.70
CA SER B 120 12.96 1.99 21.36
C SER B 120 12.99 3.52 21.42
N ARG B 121 13.36 4.13 20.31
CA ARG B 121 13.42 5.59 20.20
C ARG B 121 12.05 6.22 19.92
N ALA B 122 11.12 5.40 19.43
CA ALA B 122 9.74 5.80 19.18
C ALA B 122 8.86 4.56 19.18
N VAL B 123 7.54 4.75 19.27
CA VAL B 123 6.61 3.63 19.20
C VAL B 123 5.37 3.88 18.35
N LEU B 124 5.00 2.85 17.60
CA LEU B 124 3.79 2.88 16.80
C LEU B 124 2.79 1.91 17.41
N ILE B 125 1.60 2.41 17.70
CA ILE B 125 0.49 1.57 18.14
C ILE B 125 -0.31 1.17 16.91
N ALA B 126 -0.27 -0.12 16.59
CA ALA B 126 -1.05 -0.69 15.50
C ALA B 126 -1.87 -1.87 16.02
N ALA B 127 -2.57 -1.61 17.13
CA ALA B 127 -3.27 -2.58 17.95
C ALA B 127 -4.73 -2.87 17.53
N GLY B 128 -5.16 -2.29 16.41
CA GLY B 128 -6.48 -2.57 15.88
C GLY B 128 -7.60 -2.30 16.87
N LEU B 129 -8.39 -3.34 17.14
CA LEU B 129 -9.51 -3.26 18.07
C LEU B 129 -9.21 -3.91 19.42
N GLY B 130 -7.99 -4.44 19.57
CA GLY B 130 -7.56 -4.99 20.83
C GLY B 130 -6.72 -6.23 20.66
N ALA B 131 -6.08 -6.64 21.76
CA ALA B 131 -5.27 -7.86 21.80
C ALA B 131 -6.15 -9.08 21.60
N PHE B 132 -5.87 -9.85 20.55
CA PHE B 132 -6.56 -11.11 20.34
C PHE B 132 -6.03 -12.15 21.33
N GLU B 133 -6.96 -12.74 22.06
CA GLU B 133 -6.65 -13.77 23.04
C GLU B 133 -7.60 -14.95 22.82
N PRO B 134 -7.08 -16.19 22.94
CA PRO B 134 -7.98 -17.35 22.88
C PRO B 134 -9.12 -17.24 23.88
N ARG B 135 -10.35 -17.50 23.44
CA ARG B 135 -11.49 -17.60 24.36
C ARG B 135 -11.29 -18.79 25.29
N LYS B 136 -11.68 -18.61 26.55
CA LYS B 136 -11.46 -19.61 27.59
C LYS B 136 -12.79 -20.13 28.16
N LEU B 137 -12.72 -21.23 28.90
CA LEU B 137 -13.88 -21.80 29.59
C LEU B 137 -13.82 -21.50 31.09
N PRO B 138 -14.59 -20.48 31.54
CA PRO B 138 -14.63 -20.06 32.96
C PRO B 138 -14.97 -21.19 33.94
N GLN B 139 -15.86 -22.09 33.52
CA GLN B 139 -16.28 -23.25 34.32
C GLN B 139 -15.11 -24.13 34.80
N LEU B 140 -13.94 -23.95 34.21
CA LEU B 140 -12.72 -24.67 34.58
C LEU B 140 -11.77 -23.80 35.41
N GLY B 141 -11.96 -22.48 35.31
CA GLY B 141 -11.20 -21.51 36.10
C GLY B 141 -9.71 -21.46 35.78
N ASN B 142 -8.91 -21.27 36.83
CA ASN B 142 -7.46 -21.22 36.70
C ASN B 142 -6.88 -22.62 36.52
N ILE B 143 -6.52 -22.94 35.29
CA ILE B 143 -5.90 -24.23 34.93
C ILE B 143 -4.59 -24.00 34.20
N ASP B 144 -3.85 -22.96 34.62
CA ASP B 144 -2.65 -22.51 33.94
C ASP B 144 -1.47 -23.49 34.05
N HIS B 145 -1.50 -24.31 35.11
CA HIS B 145 -0.49 -25.36 35.31
C HIS B 145 -0.63 -26.51 34.30
N LEU B 146 -1.78 -26.57 33.64
CA LEU B 146 -2.06 -27.58 32.61
C LEU B 146 -1.90 -27.02 31.20
N THR B 147 -2.07 -25.70 31.08
CA THR B 147 -1.93 -24.98 29.81
C THR B 147 -0.50 -25.06 29.29
N GLY B 148 -0.35 -25.65 28.11
CA GLY B 148 0.96 -25.85 27.48
C GLY B 148 1.45 -27.28 27.54
N SER B 149 0.84 -28.10 28.39
CA SER B 149 1.32 -29.47 28.66
C SER B 149 0.29 -30.58 28.44
N SER B 150 -0.94 -30.37 28.93
CA SER B 150 -2.03 -31.32 28.71
C SER B 150 -3.32 -30.61 28.25
N VAL B 151 -3.37 -29.30 28.48
CA VAL B 151 -4.45 -28.44 28.01
C VAL B 151 -3.84 -27.43 27.01
N TYR B 152 -4.54 -27.21 25.89
CA TYR B 152 -4.05 -26.34 24.83
C TYR B 152 -5.16 -25.47 24.23
N TYR B 153 -4.79 -24.28 23.77
CA TYR B 153 -5.73 -23.37 23.12
C TYR B 153 -5.46 -23.26 21.63
N ALA B 154 -4.41 -23.95 21.20
CA ALA B 154 -4.02 -24.08 19.82
C ALA B 154 -3.04 -25.23 19.74
N VAL B 155 -2.90 -25.84 18.57
CA VAL B 155 -1.91 -26.88 18.38
C VAL B 155 -0.55 -26.22 18.13
N LYS B 156 0.27 -26.20 19.18
CA LYS B 156 1.63 -25.68 19.11
C LYS B 156 2.50 -26.66 18.33
N SER B 157 2.17 -27.95 18.47
CA SER B 157 2.76 -29.02 17.67
C SER B 157 1.87 -30.27 17.72
N VAL B 158 1.91 -31.05 16.66
CA VAL B 158 1.10 -32.27 16.52
C VAL B 158 1.57 -33.38 17.45
N GLU B 159 2.84 -33.31 17.86
CA GLU B 159 3.44 -34.32 18.73
C GLU B 159 2.87 -34.31 20.15
N ASP B 160 2.21 -33.21 20.51
CA ASP B 160 1.54 -33.09 21.81
C ASP B 160 0.38 -34.07 21.95
N PHE B 161 -0.11 -34.56 20.81
CA PHE B 161 -1.34 -35.34 20.77
C PHE B 161 -1.16 -36.78 20.29
N LYS B 162 0.09 -37.16 20.01
CA LYS B 162 0.42 -38.50 19.52
C LYS B 162 0.18 -39.60 20.57
N GLY B 163 -0.77 -40.47 20.28
CA GLY B 163 -1.14 -41.56 21.19
C GLY B 163 -2.03 -41.12 22.34
N LYS B 164 -2.48 -39.87 22.31
CA LYS B 164 -3.27 -39.30 23.40
C LYS B 164 -4.78 -39.51 23.22
N ARG B 165 -5.50 -39.47 24.33
CA ARG B 165 -6.95 -39.52 24.31
C ARG B 165 -7.45 -38.10 24.46
N VAL B 166 -7.81 -37.46 23.34
CA VAL B 166 -8.05 -36.02 23.32
C VAL B 166 -9.52 -35.60 23.17
N VAL B 167 -9.86 -34.50 23.85
CA VAL B 167 -11.15 -33.83 23.71
C VAL B 167 -10.92 -32.47 23.04
N ILE B 168 -11.82 -32.09 22.14
CA ILE B 168 -11.74 -30.84 21.36
C ILE B 168 -13.04 -30.06 21.52
N VAL B 169 -12.94 -28.76 21.80
CA VAL B 169 -14.11 -27.92 22.05
C VAL B 169 -14.25 -26.80 21.01
N GLY B 170 -15.38 -26.75 20.32
CA GLY B 170 -15.65 -25.72 19.32
C GLY B 170 -16.40 -26.23 18.10
N GLY B 171 -16.98 -25.31 17.35
CA GLY B 171 -17.76 -25.65 16.16
C GLY B 171 -17.37 -24.92 14.89
N GLY B 172 -16.14 -24.39 14.86
CA GLY B 172 -15.63 -23.69 13.70
C GLY B 172 -14.64 -24.55 12.93
N ASP B 173 -13.99 -23.95 11.95
CA ASP B 173 -13.05 -24.66 11.09
C ASP B 173 -11.87 -25.29 11.81
N SER B 174 -11.31 -24.55 12.78
CA SER B 174 -10.16 -25.02 13.53
C SER B 174 -10.48 -26.25 14.40
N ALA B 175 -11.61 -26.22 15.11
CA ALA B 175 -12.08 -27.39 15.87
C ALA B 175 -12.33 -28.59 14.96
N LEU B 176 -13.03 -28.35 13.84
CA LEU B 176 -13.32 -29.39 12.86
C LEU B 176 -12.07 -29.95 12.20
N ASP B 177 -11.13 -29.06 11.88
CA ASP B 177 -9.89 -29.42 11.19
C ASP B 177 -9.02 -30.35 12.01
N TRP B 178 -8.83 -30.00 13.28
CA TRP B 178 -7.97 -30.80 14.14
C TRP B 178 -8.63 -32.09 14.64
N THR B 179 -9.96 -32.14 14.61
CA THR B 179 -10.69 -33.38 14.91
C THR B 179 -10.33 -34.48 13.91
N VAL B 180 -10.46 -34.18 12.61
CA VAL B 180 -10.07 -35.14 11.56
C VAL B 180 -8.55 -35.24 11.45
N GLY B 181 -7.86 -34.13 11.67
CA GLY B 181 -6.39 -34.11 11.69
C GLY B 181 -5.83 -35.15 12.65
N LEU B 182 -6.30 -35.14 13.88
CA LEU B 182 -5.77 -36.01 14.93
C LEU B 182 -6.33 -37.44 15.01
N ILE B 183 -7.11 -37.88 14.03
CA ILE B 183 -7.70 -39.22 14.07
C ILE B 183 -6.64 -40.34 14.03
N LYS B 184 -5.83 -40.36 12.97
CA LYS B 184 -4.74 -41.34 12.86
C LYS B 184 -3.62 -41.11 13.87
N ASN B 185 -3.42 -39.84 14.25
CA ASN B 185 -2.36 -39.43 15.18
C ASN B 185 -2.66 -39.75 16.66
N ALA B 186 -3.85 -39.37 17.13
CA ALA B 186 -4.28 -39.63 18.50
C ALA B 186 -4.91 -41.02 18.64
N ALA B 187 -5.29 -41.37 19.87
CA ALA B 187 -5.84 -42.69 20.18
C ALA B 187 -7.34 -42.64 20.45
N SER B 188 -7.85 -41.43 20.71
CA SER B 188 -9.24 -41.20 21.04
C SER B 188 -9.57 -39.71 20.86
N VAL B 189 -10.53 -39.42 19.99
CA VAL B 189 -10.92 -38.04 19.67
C VAL B 189 -12.39 -37.81 19.98
N THR B 190 -12.66 -36.82 20.84
CA THR B 190 -14.02 -36.41 21.17
C THR B 190 -14.17 -34.93 20.86
N LEU B 191 -15.17 -34.61 20.03
CA LEU B 191 -15.45 -33.22 19.68
C LEU B 191 -16.76 -32.76 20.32
N VAL B 192 -16.70 -31.64 21.04
CA VAL B 192 -17.88 -31.06 21.67
C VAL B 192 -18.05 -29.61 21.22
N HIS B 193 -19.30 -29.18 21.09
CA HIS B 193 -19.64 -27.83 20.67
C HIS B 193 -21.02 -27.46 21.20
N ARG B 194 -21.14 -26.27 21.77
CA ARG B 194 -22.39 -25.85 22.43
C ARG B 194 -23.49 -25.37 21.49
N GLY B 195 -23.21 -25.39 20.19
CA GLY B 195 -24.22 -25.05 19.17
C GLY B 195 -24.85 -26.31 18.59
N HIS B 196 -25.94 -26.13 17.85
CA HIS B 196 -26.68 -27.26 17.29
C HIS B 196 -26.19 -27.66 15.89
N GLU B 197 -25.38 -26.78 15.31
CA GLU B 197 -24.72 -27.05 14.04
C GLU B 197 -23.29 -26.53 14.10
N PHE B 198 -22.46 -26.99 13.18
CA PHE B 198 -21.10 -26.46 13.08
C PHE B 198 -21.10 -25.25 12.15
N GLN B 199 -20.27 -24.26 12.49
CA GLN B 199 -20.16 -23.02 11.73
C GLN B 199 -19.10 -23.16 10.63
N GLY B 200 -18.14 -24.05 10.85
CA GLY B 200 -17.21 -24.44 9.80
C GLY B 200 -17.95 -25.38 8.88
N HIS B 201 -17.76 -25.22 7.57
CA HIS B 201 -18.52 -26.06 6.63
C HIS B 201 -17.71 -26.52 5.43
N GLY B 202 -18.27 -27.47 4.70
CA GLY B 202 -17.62 -27.99 3.50
C GLY B 202 -17.01 -29.35 3.70
N LYS B 203 -15.85 -29.54 3.09
CA LYS B 203 -15.12 -30.81 3.14
C LYS B 203 -15.00 -31.38 4.56
N THR B 204 -14.69 -30.52 5.54
CA THR B 204 -14.37 -30.95 6.90
C THR B 204 -15.56 -31.51 7.69
N ALA B 205 -16.66 -30.75 7.72
CA ALA B 205 -17.85 -31.10 8.51
C ALA B 205 -18.42 -32.47 8.15
N HIS B 206 -18.33 -32.82 6.86
CA HIS B 206 -18.80 -34.12 6.39
C HIS B 206 -17.88 -35.26 6.79
N GLU B 207 -16.56 -35.03 6.70
CA GLU B 207 -15.55 -35.98 7.18
C GLU B 207 -15.77 -36.30 8.67
N VAL B 208 -15.99 -35.25 9.45
CA VAL B 208 -16.31 -35.38 10.87
C VAL B 208 -17.57 -36.24 11.06
N GLU B 209 -18.62 -35.92 10.29
CA GLU B 209 -19.92 -36.58 10.37
C GLU B 209 -19.85 -38.06 9.96
N ARG B 210 -19.05 -38.36 8.94
CA ARG B 210 -18.77 -39.73 8.52
C ARG B 210 -18.00 -40.50 9.60
N ALA B 211 -17.08 -39.79 10.28
CA ALA B 211 -16.31 -40.36 11.38
C ALA B 211 -17.15 -40.59 12.64
N ARG B 212 -18.10 -39.69 12.91
CA ARG B 212 -19.09 -39.90 13.96
C ARG B 212 -19.93 -41.14 13.67
N ALA B 213 -20.37 -41.28 12.42
CA ALA B 213 -21.28 -42.34 12.01
C ALA B 213 -20.72 -43.73 12.26
N ASN B 214 -19.52 -44.01 11.75
CA ASN B 214 -18.86 -45.29 12.02
C ASN B 214 -18.19 -45.41 13.39
N GLY B 215 -18.34 -44.38 14.23
CA GLY B 215 -17.90 -44.41 15.62
C GLY B 215 -16.40 -44.39 15.83
N THR B 216 -15.66 -43.80 14.89
CA THR B 216 -14.22 -43.59 15.03
C THR B 216 -13.97 -42.48 16.05
N ILE B 217 -14.92 -41.56 16.15
CA ILE B 217 -14.82 -40.42 17.08
C ILE B 217 -16.16 -40.22 17.79
N ASP B 218 -16.12 -39.51 18.90
CA ASP B 218 -17.33 -39.02 19.55
C ASP B 218 -17.50 -37.55 19.20
N VAL B 219 -18.73 -37.17 18.83
CA VAL B 219 -19.05 -35.76 18.62
C VAL B 219 -20.41 -35.43 19.21
N TYR B 220 -20.45 -34.31 19.92
CA TYR B 220 -21.62 -33.94 20.70
C TYR B 220 -22.00 -32.48 20.51
N LEU B 221 -23.04 -32.25 19.72
CA LEU B 221 -23.62 -30.94 19.52
C LEU B 221 -24.39 -30.51 20.77
N GLU B 222 -24.48 -29.19 20.97
CA GLU B 222 -25.16 -28.59 22.12
C GLU B 222 -24.58 -29.06 23.47
N THR B 223 -23.33 -29.53 23.45
CA THR B 223 -22.62 -29.98 24.65
C THR B 223 -21.46 -29.04 25.01
N GLU B 224 -21.45 -28.61 26.28
CA GLU B 224 -20.41 -27.74 26.82
C GLU B 224 -19.66 -28.50 27.92
N VAL B 225 -18.39 -28.14 28.15
CA VAL B 225 -17.58 -28.80 29.19
C VAL B 225 -17.94 -28.27 30.57
N ALA B 226 -18.15 -29.18 31.52
CA ALA B 226 -18.53 -28.82 32.89
C ALA B 226 -17.34 -28.73 33.83
N SER B 227 -16.51 -29.77 33.84
CA SER B 227 -15.38 -29.87 34.76
C SER B 227 -14.34 -30.88 34.28
N ILE B 228 -13.13 -30.80 34.83
CA ILE B 228 -12.08 -31.76 34.53
C ILE B 228 -11.49 -32.40 35.79
N GLU B 229 -10.82 -33.52 35.60
CA GLU B 229 -10.03 -34.15 36.63
C GLU B 229 -8.56 -34.23 36.21
N GLU B 230 -7.67 -34.23 37.19
CA GLU B 230 -6.24 -34.26 36.96
C GLU B 230 -5.46 -35.07 37.99
N SER B 231 -4.43 -35.78 37.53
CA SER B 231 -3.52 -36.52 38.39
C SER B 231 -2.07 -36.28 37.97
N ASN B 232 -1.22 -35.98 38.95
CA ASN B 232 0.22 -35.70 38.74
C ASN B 232 0.49 -34.40 37.97
N GLY B 233 -0.42 -33.45 38.08
CA GLY B 233 -0.34 -32.22 37.31
C GLY B 233 -0.59 -32.39 35.82
N VAL B 234 -1.29 -33.47 35.45
CA VAL B 234 -1.75 -33.68 34.06
C VAL B 234 -3.24 -34.02 33.99
N LEU B 235 -3.87 -33.65 32.88
CA LEU B 235 -5.28 -33.94 32.61
C LEU B 235 -5.54 -35.45 32.68
N THR B 236 -6.66 -35.84 33.28
CA THR B 236 -7.02 -37.26 33.37
C THR B 236 -8.43 -37.58 32.89
N ARG B 237 -9.39 -36.71 33.21
CA ARG B 237 -10.78 -36.91 32.86
C ARG B 237 -11.50 -35.61 32.53
N VAL B 238 -12.41 -35.68 31.56
CA VAL B 238 -13.23 -34.52 31.17
C VAL B 238 -14.72 -34.83 31.37
N HIS B 239 -15.42 -33.90 32.02
CA HIS B 239 -16.85 -34.03 32.29
C HIS B 239 -17.66 -33.09 31.41
N LEU B 240 -18.68 -33.62 30.75
CA LEU B 240 -19.48 -32.89 29.76
C LEU B 240 -20.97 -32.90 30.13
N ARG B 241 -21.69 -31.86 29.72
CA ARG B 241 -23.15 -31.82 29.85
C ARG B 241 -23.87 -31.28 28.60
N SER B 242 -24.88 -32.02 28.15
CA SER B 242 -25.64 -31.68 26.93
C SER B 242 -26.68 -30.58 27.18
N SER B 243 -27.53 -30.33 26.17
CA SER B 243 -28.58 -29.32 26.26
C SER B 243 -29.90 -29.86 26.81
N ASP B 244 -30.06 -31.18 26.78
CA ASP B 244 -31.25 -31.83 27.34
C ASP B 244 -31.11 -32.08 28.84
N GLY B 245 -29.86 -32.17 29.30
CA GLY B 245 -29.56 -32.39 30.71
C GLY B 245 -28.59 -33.53 30.96
N SER B 246 -28.12 -34.16 29.88
CA SER B 246 -27.19 -35.30 29.97
C SER B 246 -25.85 -34.88 30.60
N LYS B 247 -25.16 -35.84 31.22
CA LYS B 247 -23.94 -35.57 32.00
C LYS B 247 -23.04 -36.81 32.10
N TRP B 248 -21.94 -36.81 31.33
CA TRP B 248 -21.01 -37.96 31.34
C TRP B 248 -19.53 -37.58 31.39
N THR B 249 -18.67 -38.61 31.42
CA THR B 249 -17.25 -38.46 31.71
C THR B 249 -16.38 -39.26 30.72
N VAL B 250 -15.37 -38.61 30.17
CA VAL B 250 -14.40 -39.29 29.32
C VAL B 250 -12.99 -39.30 29.91
N GLU B 251 -12.27 -40.39 29.65
CA GLU B 251 -10.86 -40.49 29.99
C GLU B 251 -10.04 -39.74 28.93
N ALA B 252 -9.44 -38.63 29.34
CA ALA B 252 -8.69 -37.76 28.43
C ALA B 252 -7.45 -37.14 29.08
N ASP B 253 -6.29 -37.36 28.46
CA ASP B 253 -5.05 -36.76 28.95
C ASP B 253 -4.69 -35.49 28.19
N ARG B 254 -5.56 -35.09 27.27
CA ARG B 254 -5.31 -33.93 26.42
C ARG B 254 -6.61 -33.18 26.10
N LEU B 255 -6.62 -31.88 26.34
CA LEU B 255 -7.78 -31.04 26.04
C LEU B 255 -7.42 -29.88 25.14
N LEU B 256 -8.08 -29.79 23.99
CA LEU B 256 -7.82 -28.77 22.99
C LEU B 256 -9.01 -27.84 22.81
N ILE B 257 -8.88 -26.62 23.36
CA ILE B 257 -9.94 -25.61 23.34
C ILE B 257 -9.77 -24.69 22.14
N LEU B 258 -10.81 -24.63 21.30
CA LEU B 258 -10.76 -23.99 19.99
C LEU B 258 -12.08 -23.31 19.66
N ILE B 259 -12.55 -22.45 20.56
CA ILE B 259 -13.84 -21.75 20.35
C ILE B 259 -13.70 -20.28 19.91
N GLY B 260 -12.53 -19.92 19.39
CA GLY B 260 -12.33 -18.60 18.80
C GLY B 260 -11.43 -17.66 19.56
N PHE B 261 -11.10 -16.56 18.90
CA PHE B 261 -10.28 -15.50 19.49
C PHE B 261 -11.15 -14.32 19.88
N LYS B 262 -10.87 -13.76 21.06
CA LYS B 262 -11.58 -12.56 21.50
C LYS B 262 -10.64 -11.34 21.48
N SER B 263 -11.19 -10.22 21.03
CA SER B 263 -10.46 -8.96 21.00
C SER B 263 -10.59 -8.27 22.35
N ASN B 264 -9.46 -7.86 22.90
CA ASN B 264 -9.44 -7.20 24.21
C ASN B 264 -8.58 -5.93 24.19
N LEU B 265 -9.26 -4.78 24.12
CA LEU B 265 -8.58 -3.48 24.04
C LEU B 265 -8.05 -3.03 25.39
N GLY B 266 -8.67 -3.52 26.45
CA GLY B 266 -8.35 -3.26 27.86
C GLY B 266 -7.17 -2.39 28.27
N PRO B 267 -5.94 -2.95 28.25
CA PRO B 267 -4.73 -2.25 28.72
C PRO B 267 -4.45 -0.88 28.07
N LEU B 268 -4.66 -0.78 26.77
CA LEU B 268 -4.41 0.46 26.03
C LEU B 268 -5.51 1.49 26.20
N ALA B 269 -6.72 1.03 26.54
CA ALA B 269 -7.83 1.93 26.86
C ALA B 269 -7.57 2.69 28.15
N ARG B 270 -6.64 2.17 28.96
CA ARG B 270 -6.30 2.76 30.26
C ARG B 270 -5.06 3.62 30.20
N TRP B 271 -4.53 3.82 28.99
CA TRP B 271 -3.41 4.72 28.78
C TRP B 271 -3.92 6.16 28.82
N ASP B 272 -3.02 7.11 29.00
CA ASP B 272 -3.42 8.52 29.09
C ASP B 272 -3.42 9.17 27.71
N LEU B 273 -4.30 8.67 26.86
CA LEU B 273 -4.40 9.14 25.47
C LEU B 273 -5.85 9.25 25.07
N GLU B 274 -6.18 10.35 24.40
CA GLU B 274 -7.55 10.64 24.01
C GLU B 274 -8.10 9.59 23.05
N LEU B 275 -9.31 9.14 23.35
CA LEU B 275 -10.00 8.15 22.53
C LEU B 275 -11.26 8.75 21.90
N TYR B 276 -11.57 8.31 20.69
CA TYR B 276 -12.87 8.55 20.11
C TYR B 276 -13.49 7.20 19.79
N GLU B 277 -14.41 6.76 20.64
CA GLU B 277 -15.08 5.46 20.48
C GLU B 277 -14.04 4.36 20.23
N ASN B 278 -13.21 4.12 21.25
CA ASN B 278 -12.20 3.04 21.22
C ASN B 278 -11.01 3.20 20.25
N ALA B 279 -10.98 4.32 19.53
CA ALA B 279 -9.84 4.62 18.67
C ALA B 279 -9.01 5.77 19.21
N LEU B 280 -7.69 5.60 19.15
CA LEU B 280 -6.75 6.62 19.58
C LEU B 280 -6.75 7.76 18.60
N VAL B 281 -6.96 8.94 19.14
CA VAL B 281 -7.05 10.17 18.40
C VAL B 281 -5.65 10.59 17.91
N VAL B 282 -5.58 10.99 16.65
CA VAL B 282 -4.32 11.15 15.93
C VAL B 282 -4.33 12.47 15.11
N ASP B 283 -3.15 12.99 14.77
CA ASP B 283 -3.04 14.20 13.95
C ASP B 283 -2.65 13.87 12.50
N SER B 284 -2.33 14.89 11.71
CA SER B 284 -2.05 14.72 10.27
C SER B 284 -0.88 13.78 9.95
N HIS B 285 -0.02 13.57 10.93
CA HIS B 285 1.13 12.67 10.80
C HIS B 285 0.96 11.35 11.56
N MET B 286 -0.27 11.05 11.97
CA MET B 286 -0.57 9.81 12.70
C MET B 286 0.01 9.81 14.11
N LYS B 287 0.37 11.00 14.60
CA LYS B 287 0.90 11.20 15.94
C LYS B 287 -0.22 11.46 16.94
N THR B 288 -0.14 10.78 18.08
CA THR B 288 -0.98 11.07 19.26
C THR B 288 -0.43 12.35 19.91
N SER B 289 -0.97 12.76 21.04
CA SER B 289 -0.47 13.95 21.73
C SER B 289 0.99 13.84 22.17
N VAL B 290 1.37 12.64 22.61
CA VAL B 290 2.75 12.36 23.02
C VAL B 290 3.65 12.23 21.79
N ASP B 291 4.64 13.13 21.70
CA ASP B 291 5.62 13.13 20.61
C ASP B 291 6.36 11.81 20.64
N GLY B 292 6.57 11.21 19.48
CA GLY B 292 7.28 9.94 19.38
C GLY B 292 6.36 8.74 19.54
N LEU B 293 5.12 9.00 19.92
CA LEU B 293 4.11 7.96 20.05
C LEU B 293 3.08 8.10 18.93
N TYR B 294 3.06 7.11 18.04
CA TYR B 294 2.20 7.14 16.87
C TYR B 294 1.12 6.05 16.94
N ALA B 295 0.05 6.25 16.18
CA ALA B 295 -0.98 5.24 15.98
C ALA B 295 -1.41 5.16 14.51
N ALA B 296 -1.71 3.93 14.06
CA ALA B 296 -2.15 3.70 12.68
C ALA B 296 -3.03 2.44 12.58
N GLY B 297 -3.84 2.38 11.53
CA GLY B 297 -4.76 1.26 11.34
C GLY B 297 -6.11 1.44 12.01
N ASP B 298 -6.74 0.33 12.40
CA ASP B 298 -8.05 0.34 13.05
C ASP B 298 -8.06 1.07 14.40
N ILE B 299 -6.89 1.12 15.05
CA ILE B 299 -6.69 1.84 16.31
C ILE B 299 -6.63 3.38 16.15
N ALA B 300 -6.41 3.86 14.93
CA ALA B 300 -6.22 5.31 14.71
C ALA B 300 -7.50 6.00 14.34
N TYR B 301 -7.76 7.15 14.95
CA TYR B 301 -8.86 7.98 14.48
C TYR B 301 -8.41 9.39 14.12
N TYR B 302 -8.87 9.85 12.96
CA TYR B 302 -8.75 11.23 12.50
C TYR B 302 -10.01 11.47 11.68
N PRO B 303 -10.50 12.72 11.63
CA PRO B 303 -11.75 12.95 10.87
C PRO B 303 -11.71 12.30 9.49
N GLY B 304 -12.73 11.50 9.17
CA GLY B 304 -12.81 10.84 7.87
C GLY B 304 -12.21 9.44 7.79
N LYS B 305 -11.62 8.96 8.90
CA LYS B 305 -11.02 7.64 8.98
C LYS B 305 -11.99 6.52 8.57
N LEU B 306 -11.53 5.66 7.68
CA LEU B 306 -12.27 4.44 7.33
C LEU B 306 -11.53 3.26 7.93
N LYS B 307 -12.23 2.41 8.69
CA LYS B 307 -11.58 1.26 9.30
C LYS B 307 -11.50 0.09 8.35
N ILE B 308 -10.55 0.17 7.43
CA ILE B 308 -10.33 -0.88 6.42
C ILE B 308 -8.84 -1.14 6.25
N ILE B 309 -8.49 -2.19 5.51
CA ILE B 309 -7.10 -2.53 5.29
C ILE B 309 -6.32 -1.45 4.55
N GLN B 310 -6.81 -1.05 3.38
CA GLN B 310 -6.16 -0.08 2.49
C GLN B 310 -5.69 1.17 3.20
N THR B 311 -6.57 1.68 4.04
CA THR B 311 -6.39 2.89 4.80
C THR B 311 -5.32 2.74 5.91
N GLY B 312 -5.30 1.59 6.57
CA GLY B 312 -4.30 1.33 7.60
C GLY B 312 -2.91 1.18 7.00
N LEU B 313 -2.84 0.69 5.76
CA LEU B 313 -1.57 0.51 5.08
C LEU B 313 -0.86 1.84 4.78
N SER B 314 -1.58 2.82 4.25
CA SER B 314 -0.99 4.14 4.01
C SER B 314 -0.79 4.95 5.29
N GLU B 315 -1.59 4.67 6.33
CA GLU B 315 -1.37 5.27 7.65
C GLU B 315 -0.04 4.80 8.26
N ALA B 316 0.26 3.52 8.09
CA ALA B 316 1.52 2.92 8.54
C ALA B 316 2.71 3.59 7.85
N THR B 317 2.56 3.88 6.55
CA THR B 317 3.58 4.61 5.79
C THR B 317 3.76 6.03 6.31
N MET B 318 2.66 6.72 6.60
CA MET B 318 2.73 8.10 7.10
C MET B 318 3.31 8.18 8.51
N ALA B 319 2.95 7.23 9.37
CA ALA B 319 3.47 7.20 10.73
C ALA B 319 4.98 6.91 10.76
N VAL B 320 5.44 5.96 9.96
CA VAL B 320 6.86 5.62 9.93
C VAL B 320 7.69 6.77 9.33
N ARG B 321 7.16 7.38 8.27
CA ARG B 321 7.79 8.54 7.62
C ARG B 321 8.04 9.69 8.58
N HIS B 322 7.00 10.10 9.31
CA HIS B 322 7.16 11.19 10.27
C HIS B 322 7.98 10.82 11.51
N SER B 323 7.92 9.55 11.93
CA SER B 323 8.65 9.10 13.11
C SER B 323 10.16 9.33 12.97
N LEU B 324 10.62 9.44 11.71
CA LEU B 324 12.03 9.72 11.41
C LEU B 324 12.49 11.05 12.00
N SER B 325 11.59 12.03 12.03
CA SER B 325 11.88 13.35 12.57
C SER B 325 12.08 13.33 14.09
N TYR B 326 11.49 12.32 14.73
CA TYR B 326 11.64 12.13 16.19
C TYR B 326 12.77 11.15 16.52
N ILE B 327 12.89 10.10 15.71
CA ILE B 327 13.94 9.08 15.89
C ILE B 327 15.30 9.71 15.61
N LYS B 328 15.39 10.46 14.52
CA LYS B 328 16.63 11.12 14.11
C LYS B 328 16.38 12.63 14.03
N PRO B 329 16.37 13.32 15.18
CA PRO B 329 16.04 14.75 15.15
C PRO B 329 17.14 15.59 14.48
N GLY B 330 16.71 16.60 13.71
CA GLY B 330 17.63 17.50 13.04
C GLY B 330 18.15 16.97 11.72
N GLU B 331 18.11 15.65 11.54
CA GLU B 331 18.67 15.02 10.33
C GLU B 331 17.83 15.32 9.08
N LYS B 332 18.50 15.78 8.03
CA LYS B 332 17.88 16.09 6.75
C LYS B 332 17.41 14.82 6.06
N ILE B 333 16.11 14.76 5.77
CA ILE B 333 15.51 13.60 5.09
C ILE B 333 15.60 13.70 3.57
N ARG B 334 16.10 12.66 2.93
CA ARG B 334 16.26 12.64 1.48
C ARG B 334 15.07 11.97 0.78
N ASN B 335 14.24 12.79 0.14
CA ASN B 335 13.04 12.31 -0.57
C ASN B 335 13.34 11.56 -1.87
N VAL B 336 13.79 10.31 -1.73
CA VAL B 336 13.92 9.39 -2.86
C VAL B 336 12.66 8.53 -2.92
N PHE B 337 12.28 8.12 -4.13
CA PHE B 337 11.24 7.11 -4.29
C PHE B 337 11.87 5.72 -4.11
N SER B 338 11.08 4.74 -3.67
CA SER B 338 11.57 3.38 -3.45
C SER B 338 12.25 2.82 -4.70
N SER B 339 11.61 3.04 -5.85
CA SER B 339 12.11 2.58 -7.15
C SER B 339 13.52 3.07 -7.46
N VAL B 340 13.74 4.38 -7.27
CA VAL B 340 15.03 5.02 -7.51
C VAL B 340 16.04 4.63 -6.42
N LYS B 341 15.57 4.59 -5.17
CA LYS B 341 16.41 4.26 -4.01
C LYS B 341 16.95 2.83 -4.07
N MET B 342 16.13 1.89 -4.54
CA MET B 342 16.54 0.49 -4.66
C MET B 342 17.37 0.22 -5.92
N ALA B 343 17.34 1.17 -6.85
CA ALA B 343 18.19 1.14 -8.04
C ALA B 343 19.61 1.61 -7.72
N LYS B 344 19.71 2.64 -6.88
CA LYS B 344 20.99 3.19 -6.42
C LYS B 344 21.81 2.21 -5.58
N GLU B 345 21.11 1.37 -4.81
CA GLU B 345 21.76 0.37 -3.97
C GLU B 345 21.92 -0.97 -4.70
N LYS B 346 21.40 -1.04 -5.93
CA LYS B 346 21.68 -2.16 -6.83
C LYS B 346 22.96 -1.90 -7.60
N LYS B 347 23.21 -0.63 -7.90
CA LYS B 347 24.45 -0.18 -8.53
C LYS B 347 25.64 -0.31 -7.58
N ALA B 348 25.49 0.24 -6.37
CA ALA B 348 26.53 0.23 -5.35
C ALA B 348 26.93 -1.20 -4.96
PA FAD C . -0.75 10.21 -12.10
O1A FAD C . 0.13 8.99 -12.15
O2A FAD C . 0.01 11.46 -12.43
O5B FAD C . -1.99 9.99 -13.09
C5B FAD C . -2.81 11.09 -13.43
C4B FAD C . -3.37 10.91 -14.83
O4B FAD C . -4.24 11.98 -15.17
C3B FAD C . -2.31 10.89 -15.91
O3B FAD C . -2.48 9.65 -16.55
C2B FAD C . -2.63 12.06 -16.82
O2B FAD C . -2.42 11.73 -18.18
C1B FAD C . -4.09 12.31 -16.55
N9A FAD C . -4.59 13.69 -16.69
C8A FAD C . -4.04 14.84 -16.19
N7A FAD C . -4.85 15.87 -16.52
C5A FAD C . -5.92 15.40 -17.22
C6A FAD C . -7.04 16.02 -17.80
N6A FAD C . -7.38 17.28 -17.48
N1A FAD C . -7.97 15.23 -18.45
C2A FAD C . -7.81 13.87 -18.55
N3A FAD C . -6.70 13.28 -17.98
C4A FAD C . -5.77 14.03 -17.32
N1 FAD C . 5.51 6.29 -5.84
C2 FAD C . 5.56 5.20 -5.00
O2 FAD C . 4.69 5.04 -4.16
N3 FAD C . 6.59 4.28 -5.10
C4 FAD C . 7.59 4.46 -6.04
O4 FAD C . 8.51 3.65 -6.12
C4X FAD C . 7.54 5.56 -6.90
N5 FAD C . 8.52 5.75 -7.84
C5X FAD C . 8.48 6.84 -8.69
C6 FAD C . 9.50 6.99 -9.64
C7 FAD C . 9.48 8.08 -10.51
C7M FAD C . 10.61 8.20 -11.52
C8 FAD C . 8.45 9.02 -10.44
C8M FAD C . 8.40 10.21 -11.36
C9 FAD C . 7.43 8.86 -9.49
C9A FAD C . 7.44 7.76 -8.60
N10 FAD C . 6.44 7.59 -7.65
C10 FAD C . 6.49 6.48 -6.80
C1' FAD C . 5.28 8.54 -7.57
C2' FAD C . 4.05 7.92 -8.23
O2' FAD C . 4.34 7.61 -9.58
C3' FAD C . 2.82 8.81 -8.13
O3' FAD C . 2.53 9.09 -6.77
C4' FAD C . 1.59 8.15 -8.77
O4' FAD C . 1.79 8.00 -10.16
C5' FAD C . 0.33 8.98 -8.54
O5' FAD C . -0.72 8.47 -9.31
P FAD C . -1.97 9.41 -9.60
O1P FAD C . -2.40 10.11 -8.34
O2P FAD C . -3.13 8.70 -10.24
O3P FAD C . -1.36 10.49 -10.62
PA FAD D . -5.76 -5.65 13.47
O1A FAD D . -6.92 -5.71 14.45
O2A FAD D . -5.98 -6.52 12.25
O5B FAD D . -4.38 -6.03 14.17
C5B FAD D . -4.03 -5.58 15.46
C4B FAD D . -3.09 -6.61 16.09
O4B FAD D . -2.55 -6.06 17.27
C3B FAD D . -3.83 -7.88 16.51
O3B FAD D . -3.10 -8.99 16.01
C2B FAD D . -3.82 -7.85 18.03
O2B FAD D . -3.74 -9.13 18.63
C1B FAD D . -2.57 -7.03 18.31
N9A FAD D . -2.57 -6.29 19.59
C8A FAD D . -3.53 -5.42 20.03
N7A FAD D . -3.14 -4.94 21.22
C5A FAD D . -1.94 -5.47 21.54
C6A FAD D . -1.13 -5.30 22.65
N6A FAD D . -1.56 -4.56 23.68
N1A FAD D . 0.07 -5.99 22.72
C2A FAD D . 0.45 -6.84 21.69
N3A FAD D . -0.39 -7.00 20.59
C4A FAD D . -1.56 -6.33 20.51
N1 FAD D . -11.23 -4.84 5.65
C2 FAD D . -11.04 -4.70 4.28
O2 FAD D . -10.41 -3.74 3.85
N3 FAD D . -11.55 -5.62 3.40
C4 FAD D . -12.26 -6.71 3.88
O4 FAD D . -12.69 -7.53 3.09
C4X FAD D . -12.46 -6.87 5.25
N5 FAD D . -13.18 -7.95 5.73
C5X FAD D . -13.38 -8.11 7.08
C6 FAD D . -14.10 -9.21 7.54
C7 FAD D . -14.31 -9.40 8.91
C7M FAD D . -15.09 -10.60 9.36
C8 FAD D . -13.79 -8.46 9.81
C8M FAD D . -14.01 -8.61 11.31
C9 FAD D . -13.07 -7.36 9.35
C9A FAD D . -12.86 -7.17 7.98
N10 FAD D . -12.13 -6.07 7.51
C10 FAD D . -11.94 -5.92 6.14
C1' FAD D . -11.53 -5.05 8.45
C2' FAD D . -10.02 -5.25 8.51
O2' FAD D . -9.73 -6.56 8.94
C3' FAD D . -9.32 -4.25 9.43
O3' FAD D . -9.46 -2.94 8.92
C4' FAD D . -7.82 -4.56 9.57
O4' FAD D . -7.60 -5.85 10.12
C5' FAD D . -7.13 -3.55 10.46
O5' FAD D . -5.78 -3.91 10.53
P FAD D . -4.87 -3.53 11.78
O1P FAD D . -3.55 -4.24 11.67
O2P FAD D . -4.72 -2.04 11.92
O3P FAD D . -5.64 -4.09 13.07
#